data_3JSU
#
_entry.id   3JSU
#
_cell.length_a   58.991
_cell.length_b   157.375
_cell.length_c   165.511
_cell.angle_alpha   90.000
_cell.angle_beta   90.000
_cell.angle_gamma   90.000
#
_symmetry.space_group_name_H-M   'P 21 21 21'
#
loop_
_entity.id
_entity.type
_entity.pdbx_description
1 polymer 'Dihydrofolate reductase-thymidylate synthase'
2 non-polymer 5-chloro-N~6~-(2,5-dimethoxybenzyl)quinazoline-2,4,6-triamine
3 non-polymer 'NADPH DIHYDRO-NICOTINAMIDE-ADENINE-DINUCLEOTIDE PHOSPHATE'
4 non-polymer "2'-DEOXYURIDINE 5'-MONOPHOSPHATE"
5 water water
#
_entity_poly.entity_id   1
_entity_poly.type   'polypeptide(L)'
_entity_poly.pdbx_seq_one_letter_code
;MMEQVCDVFDIYAICACCKVESKNEGKKNEVFNNYTFRGLGNKGVLPWKCISLDMKYFRAVTTYVNESKYEKLKYKRCKY
LNKETVDNVNDMPNSKKLQNVVVMGRTNWESIPKKFKPLSNRINVILSRTLKKEDFDEDVYIINKVEDLIVLLGKLNYYK
CFILGGSVVYQEFLEKKLIKKIYFTRINSTYECDVFFPEINENEYQIISVSDVYTSNNTTLDFIIYKKTNNKMLNEQNCI
KGEEKNNDMPLKNDDKDTCHMKKLTEFYKNVDKYKINYENDDDDEEEDDFVYFNFNKEKEEKNKNSIHPNDFQIYNSLKY
KYHPEYQYLNIIYDIMMNGNKQSDRTGVGVLSKFGYIMKFDLSQYFPLLTTKKLFLRGIIEELLWFIRGETNGNTLLNKN
VRIWEANGTREFLDNRKLFHREVNDLGPIYGFQWRHFGAEYTNMYDNYENKGVDQLKNIINLIKNDPTSRRILLCAWNVK
DLDQMALPPCHILCQFYVFDGKLSCIMYQRSCDLGLGVPFNIASYSIFTHMIAQVCNLQPAQFIHVLGNAHVYNNHIDSL
KIQLNRIPYPFPTLKLNPDIKNIEDFTISDFTIQNYVHHEKISMDMAA
;
_entity_poly.pdbx_strand_id   A,B
#
loop_
_chem_comp.id
_chem_comp.type
_chem_comp.name
_chem_comp.formula
KA5 non-polymer 5-chloro-N~6~-(2,5-dimethoxybenzyl)quinazoline-2,4,6-triamine 'C17 H18 Cl N5 O2'
NDP non-polymer 'NADPH DIHYDRO-NICOTINAMIDE-ADENINE-DINUCLEOTIDE PHOSPHATE' 'C21 H30 N7 O17 P3'
UMP non-polymer '2'-DEOXYURIDINE 5'-MONOPHOSPHATE' 'C9 H13 N2 O8 P'
#
# COMPACT_ATOMS: atom_id res chain seq x y z
N MET A 1 8.92 -12.28 -38.96
CA MET A 1 8.33 -12.26 -40.34
C MET A 1 7.13 -13.21 -40.45
N MET A 2 7.43 -14.50 -40.58
CA MET A 2 6.42 -15.55 -40.72
C MET A 2 6.11 -16.19 -39.35
N GLU A 3 4.88 -15.98 -38.89
CA GLU A 3 4.39 -16.49 -37.60
C GLU A 3 4.82 -17.92 -37.29
N GLN A 4 4.95 -18.23 -36.01
CA GLN A 4 5.31 -19.57 -35.57
C GLN A 4 4.07 -20.29 -35.08
N VAL A 5 4.03 -21.60 -35.30
CA VAL A 5 2.90 -22.43 -34.92
C VAL A 5 2.34 -22.11 -33.53
N CYS A 6 3.18 -22.25 -32.51
CA CYS A 6 2.78 -22.02 -31.13
C CYS A 6 2.05 -20.70 -30.88
N ASP A 7 2.32 -19.68 -31.70
CA ASP A 7 1.69 -18.39 -31.51
C ASP A 7 0.29 -18.30 -32.11
N VAL A 8 0.12 -18.86 -33.30
CA VAL A 8 -1.17 -18.81 -33.97
C VAL A 8 -2.20 -19.67 -33.22
N PHE A 9 -1.81 -20.89 -32.89
CA PHE A 9 -2.69 -21.81 -32.21
C PHE A 9 -2.72 -21.70 -30.69
N ASP A 10 -1.89 -20.82 -30.15
CA ASP A 10 -1.84 -20.62 -28.70
C ASP A 10 -1.64 -21.94 -27.94
N ILE A 11 -0.52 -22.60 -28.16
CA ILE A 11 -0.24 -23.85 -27.49
C ILE A 11 0.66 -23.61 -26.29
N TYR A 12 0.10 -23.82 -25.09
CA TYR A 12 0.82 -23.62 -23.85
C TYR A 12 1.04 -24.98 -23.16
N ALA A 13 1.90 -24.99 -22.16
CA ALA A 13 2.16 -26.20 -21.39
C ALA A 13 1.90 -25.84 -19.93
N ILE A 14 1.41 -26.80 -19.15
CA ILE A 14 1.14 -26.61 -17.74
C ILE A 14 1.62 -27.86 -17.02
N CYS A 15 2.26 -27.68 -15.86
CA CYS A 15 2.77 -28.82 -15.10
C CYS A 15 2.97 -28.49 -13.63
N ALA A 16 3.32 -29.52 -12.86
CA ALA A 16 3.55 -29.38 -11.43
C ALA A 16 4.79 -30.20 -11.06
N CYS A 17 5.85 -29.53 -10.60
CA CYS A 17 7.08 -30.22 -10.23
C CYS A 17 7.45 -30.09 -8.76
N CYS A 18 8.05 -31.15 -8.23
CA CYS A 18 8.48 -31.17 -6.84
C CYS A 18 9.99 -31.34 -6.84
N LYS A 19 10.56 -31.52 -5.65
CA LYS A 19 11.99 -31.71 -5.53
C LYS A 19 12.26 -33.19 -5.59
N VAL A 20 13.15 -33.59 -6.51
CA VAL A 20 13.50 -34.99 -6.68
C VAL A 20 14.24 -35.49 -5.46
N GLU A 21 14.17 -36.80 -5.23
CA GLU A 21 14.80 -37.40 -4.06
C GLU A 21 16.25 -37.80 -4.25
N SER A 22 17.08 -36.88 -4.74
CA SER A 22 18.49 -37.18 -4.90
C SER A 22 18.97 -37.59 -3.50
N LYS A 23 19.39 -38.84 -3.35
CA LYS A 23 19.87 -39.34 -2.05
C LYS A 23 20.58 -38.19 -1.35
N ASN A 24 21.68 -37.74 -1.94
CA ASN A 24 22.46 -36.61 -1.41
C ASN A 24 23.92 -36.59 -1.82
N GLU A 25 24.44 -35.37 -1.94
CA GLU A 25 25.84 -35.10 -2.22
C GLU A 25 26.15 -34.38 -0.91
N GLY A 26 25.19 -34.52 0.00
CA GLY A 26 25.25 -33.92 1.30
C GLY A 26 24.15 -32.88 1.41
N LYS A 27 23.16 -33.13 2.27
CA LYS A 27 22.09 -32.15 2.45
C LYS A 27 22.83 -31.01 3.15
N LYS A 28 24.14 -31.22 3.28
CA LYS A 28 25.07 -30.27 3.89
C LYS A 28 25.44 -29.21 2.84
N ASN A 29 24.61 -28.17 2.75
CA ASN A 29 24.82 -27.08 1.82
C ASN A 29 24.79 -27.56 0.37
N GLU A 30 23.58 -27.61 -0.19
CA GLU A 30 23.38 -28.04 -1.56
C GLU A 30 23.04 -26.84 -2.43
N VAL A 31 23.47 -26.88 -3.69
CA VAL A 31 23.20 -25.79 -4.62
C VAL A 31 21.74 -25.88 -5.09
N PHE A 32 21.13 -24.74 -5.34
CA PHE A 32 19.75 -24.68 -5.80
C PHE A 32 19.64 -23.85 -7.06
N ASN A 33 19.03 -24.42 -8.08
CA ASN A 33 18.81 -23.73 -9.36
C ASN A 33 17.36 -24.04 -9.71
N ASN A 34 16.88 -23.48 -10.82
CA ASN A 34 15.50 -23.73 -11.20
C ASN A 34 15.29 -25.21 -11.47
N TYR A 35 16.37 -25.90 -11.84
CA TYR A 35 16.30 -27.33 -12.13
C TYR A 35 15.98 -28.14 -10.87
N THR A 36 15.94 -27.47 -9.73
CA THR A 36 15.65 -28.14 -8.47
C THR A 36 14.25 -28.76 -8.48
N PHE A 37 13.31 -28.10 -9.16
CA PHE A 37 11.94 -28.58 -9.25
C PHE A 37 11.73 -29.28 -10.60
N ARG A 38 11.72 -30.61 -10.59
CA ARG A 38 11.56 -31.39 -11.82
C ARG A 38 10.85 -32.72 -11.65
N GLY A 39 10.37 -33.02 -10.45
CA GLY A 39 9.70 -34.28 -10.23
C GLY A 39 8.29 -34.31 -10.80
N LEU A 40 8.11 -35.04 -11.90
CA LEU A 40 6.80 -35.16 -12.54
C LEU A 40 5.94 -36.31 -12.04
N GLY A 41 6.54 -37.50 -11.93
CA GLY A 41 5.76 -38.63 -11.47
C GLY A 41 6.59 -39.78 -10.92
N ASN A 42 5.90 -40.76 -10.35
CA ASN A 42 6.53 -41.94 -9.78
C ASN A 42 5.61 -43.13 -9.88
N LYS A 43 6.12 -44.22 -10.45
CA LYS A 43 5.37 -45.46 -10.65
C LYS A 43 4.06 -45.23 -11.39
N GLY A 44 4.13 -44.49 -12.50
CA GLY A 44 2.94 -44.24 -13.30
C GLY A 44 1.97 -43.17 -12.81
N VAL A 45 2.13 -42.72 -11.57
CA VAL A 45 1.25 -41.69 -11.02
C VAL A 45 2.03 -40.49 -10.43
N LEU A 46 1.31 -39.60 -9.75
CA LEU A 46 1.91 -38.41 -9.14
C LEU A 46 2.76 -38.76 -7.91
N PRO A 47 3.93 -38.12 -7.77
CA PRO A 47 4.83 -38.36 -6.63
C PRO A 47 4.20 -38.08 -5.29
N TRP A 48 3.33 -37.07 -5.26
CA TRP A 48 2.65 -36.69 -4.03
C TRP A 48 1.27 -37.29 -3.98
N LYS A 49 0.72 -37.40 -2.77
CA LYS A 49 -0.60 -37.98 -2.61
C LYS A 49 -1.67 -37.07 -3.18
N CYS A 50 -1.80 -35.87 -2.63
CA CYS A 50 -2.79 -34.90 -3.10
C CYS A 50 -2.44 -33.49 -2.69
N ILE A 51 -2.55 -32.57 -3.62
CA ILE A 51 -2.28 -31.16 -3.37
C ILE A 51 -3.40 -30.39 -4.03
N SER A 52 -4.54 -30.33 -3.36
CA SER A 52 -5.73 -29.66 -3.88
C SER A 52 -5.53 -28.28 -4.51
N LEU A 53 -4.67 -27.46 -3.95
CA LEU A 53 -4.47 -26.12 -4.51
C LEU A 53 -3.94 -26.24 -5.94
N ASP A 54 -3.00 -27.16 -6.17
CA ASP A 54 -2.47 -27.33 -7.52
C ASP A 54 -3.57 -27.84 -8.45
N MET A 55 -4.38 -28.76 -7.95
CA MET A 55 -5.48 -29.32 -8.75
C MET A 55 -6.45 -28.20 -9.12
N LYS A 56 -6.75 -27.36 -8.14
CA LYS A 56 -7.65 -26.23 -8.33
C LYS A 56 -7.10 -25.25 -9.36
N TYR A 57 -5.82 -24.94 -9.27
CA TYR A 57 -5.19 -24.02 -10.21
C TYR A 57 -5.19 -24.68 -11.59
N PHE A 58 -4.80 -25.93 -11.62
CA PHE A 58 -4.76 -26.71 -12.86
C PHE A 58 -6.09 -26.67 -13.61
N ARG A 59 -7.19 -26.90 -12.88
CA ARG A 59 -8.52 -26.89 -13.47
C ARG A 59 -8.88 -25.47 -13.89
N ALA A 60 -8.60 -24.51 -13.02
CA ALA A 60 -8.92 -23.11 -13.29
C ALA A 60 -8.30 -22.66 -14.61
N VAL A 61 -6.99 -22.90 -14.73
CA VAL A 61 -6.25 -22.49 -15.91
C VAL A 61 -6.66 -23.19 -17.20
N THR A 62 -6.67 -24.51 -17.20
CA THR A 62 -7.02 -25.25 -18.41
C THR A 62 -8.47 -25.16 -18.85
N THR A 63 -9.33 -24.50 -18.08
CA THR A 63 -10.73 -24.41 -18.47
C THR A 63 -11.19 -22.99 -18.76
N TYR A 64 -10.41 -22.00 -18.35
CA TYR A 64 -10.80 -20.62 -18.56
C TYR A 64 -10.71 -20.17 -20.01
N VAL A 65 -11.78 -19.56 -20.52
CA VAL A 65 -11.81 -19.04 -21.89
C VAL A 65 -12.47 -17.67 -21.86
N ASN A 66 -12.01 -16.79 -22.76
CA ASN A 66 -12.57 -15.46 -22.83
C ASN A 66 -13.26 -15.31 -24.17
N GLU A 67 -14.58 -15.55 -24.18
CA GLU A 67 -15.40 -15.49 -25.37
C GLU A 67 -15.08 -14.30 -26.28
N SER A 68 -15.12 -13.10 -25.71
CA SER A 68 -14.85 -11.89 -26.47
C SER A 68 -13.47 -11.83 -27.12
N LYS A 69 -12.56 -12.71 -26.75
CA LYS A 69 -11.22 -12.70 -27.33
C LYS A 69 -11.05 -13.73 -28.44
N TYR A 70 -12.02 -14.62 -28.59
CA TYR A 70 -11.93 -15.66 -29.60
C TYR A 70 -11.97 -15.14 -31.04
N GLU A 71 -12.90 -14.23 -31.32
CA GLU A 71 -13.03 -13.68 -32.66
C GLU A 71 -11.68 -13.27 -33.25
N LYS A 72 -10.87 -12.61 -32.44
CA LYS A 72 -9.55 -12.16 -32.86
C LYS A 72 -8.62 -13.34 -33.12
N LEU A 73 -8.76 -14.40 -32.33
CA LEU A 73 -7.93 -15.58 -32.47
C LEU A 73 -8.35 -16.38 -33.71
N LYS A 74 -9.64 -16.28 -34.03
CA LYS A 74 -10.20 -16.97 -35.19
C LYS A 74 -9.55 -16.38 -36.44
N TYR A 75 -9.59 -15.06 -36.56
CA TYR A 75 -8.98 -14.38 -37.70
C TYR A 75 -7.52 -14.79 -37.81
N LYS A 76 -6.80 -14.66 -36.70
CA LYS A 76 -5.38 -15.02 -36.66
C LYS A 76 -5.14 -16.37 -37.32
N ARG A 77 -5.82 -17.40 -36.79
CA ARG A 77 -5.69 -18.76 -37.28
C ARG A 77 -6.17 -18.97 -38.71
N CYS A 78 -7.33 -18.41 -39.04
CA CYS A 78 -7.84 -18.55 -40.40
C CYS A 78 -6.86 -17.89 -41.35
N LYS A 79 -6.58 -16.61 -41.11
CA LYS A 79 -5.66 -15.86 -41.94
C LYS A 79 -4.40 -16.68 -42.17
N TYR A 80 -3.91 -17.34 -41.13
CA TYR A 80 -2.71 -18.16 -41.23
C TYR A 80 -2.86 -19.35 -42.17
N LEU A 81 -4.07 -19.89 -42.22
CA LEU A 81 -4.36 -21.04 -43.07
C LEU A 81 -4.90 -20.58 -44.43
N ASN A 82 -4.77 -19.28 -44.68
CA ASN A 82 -5.26 -18.69 -45.93
C ASN A 82 -6.74 -18.95 -46.11
N LYS A 83 -7.44 -19.16 -45.00
CA LYS A 83 -8.88 -19.40 -45.00
C LYS A 83 -9.60 -18.12 -44.63
N GLU A 84 -10.47 -17.65 -45.52
CA GLU A 84 -11.23 -16.44 -45.27
C GLU A 84 -12.39 -16.72 -44.33
N THR A 85 -12.40 -16.02 -43.20
CA THR A 85 -13.44 -16.18 -42.18
C THR A 85 -13.57 -17.63 -41.67
N LYS A 96 -21.72 -24.90 -29.41
CA LYS A 96 -21.48 -25.20 -27.97
C LYS A 96 -20.67 -24.07 -27.33
N LYS A 97 -20.54 -24.10 -26.01
CA LYS A 97 -19.77 -23.08 -25.30
C LYS A 97 -18.30 -23.21 -25.67
N LEU A 98 -17.63 -22.07 -25.89
CA LEU A 98 -16.22 -22.09 -26.26
C LEU A 98 -15.38 -22.80 -25.20
N GLN A 99 -14.49 -23.67 -25.64
CA GLN A 99 -13.65 -24.44 -24.74
C GLN A 99 -12.18 -24.46 -25.16
N ASN A 100 -11.33 -24.86 -24.23
CA ASN A 100 -9.91 -24.99 -24.52
C ASN A 100 -9.67 -26.42 -24.92
N VAL A 101 -8.50 -26.67 -25.48
CA VAL A 101 -8.12 -28.01 -25.89
C VAL A 101 -7.01 -28.45 -24.96
N VAL A 102 -7.09 -29.69 -24.47
CA VAL A 102 -6.04 -30.21 -23.62
C VAL A 102 -5.50 -31.43 -24.35
N VAL A 103 -4.18 -31.55 -24.38
CA VAL A 103 -3.51 -32.65 -25.04
C VAL A 103 -2.68 -33.43 -24.03
N MET A 104 -2.88 -34.74 -23.96
CA MET A 104 -2.12 -35.55 -23.02
C MET A 104 -1.64 -36.87 -23.58
N GLY A 105 -0.45 -37.28 -23.18
CA GLY A 105 0.11 -38.53 -23.63
C GLY A 105 -0.72 -39.67 -23.09
N ARG A 106 -0.58 -40.87 -23.66
CA ARG A 106 -1.35 -42.00 -23.22
C ARG A 106 -1.13 -42.33 -21.75
N THR A 107 0.12 -42.53 -21.36
CA THR A 107 0.40 -42.86 -19.96
C THR A 107 -0.31 -41.87 -19.04
N ASN A 108 -0.15 -40.58 -19.33
CA ASN A 108 -0.76 -39.53 -18.53
C ASN A 108 -2.28 -39.71 -18.49
N TRP A 109 -2.87 -39.98 -19.65
CA TRP A 109 -4.30 -40.18 -19.72
C TRP A 109 -4.72 -41.36 -18.84
N GLU A 110 -3.99 -42.46 -18.94
CA GLU A 110 -4.31 -43.65 -18.15
C GLU A 110 -4.09 -43.46 -16.66
N SER A 111 -3.29 -42.47 -16.28
CA SER A 111 -3.01 -42.22 -14.87
C SER A 111 -4.11 -41.41 -14.19
N ILE A 112 -5.08 -40.96 -14.98
CA ILE A 112 -6.18 -40.17 -14.43
C ILE A 112 -7.40 -41.05 -14.13
N PRO A 113 -7.95 -40.93 -12.91
CA PRO A 113 -9.11 -41.70 -12.44
C PRO A 113 -10.31 -41.59 -13.38
N LYS A 114 -10.90 -42.72 -13.74
CA LYS A 114 -12.04 -42.78 -14.64
C LYS A 114 -13.05 -41.66 -14.43
N LYS A 115 -13.48 -41.45 -13.19
CA LYS A 115 -14.48 -40.42 -12.88
C LYS A 115 -14.14 -39.00 -13.28
N PHE A 116 -12.90 -38.77 -13.74
CA PHE A 116 -12.49 -37.45 -14.15
C PHE A 116 -12.36 -37.33 -15.66
N LYS A 117 -12.31 -38.48 -16.34
CA LYS A 117 -12.18 -38.55 -17.79
C LYS A 117 -13.49 -38.73 -18.54
N PRO A 118 -13.68 -37.96 -19.62
CA PRO A 118 -12.70 -36.97 -20.10
C PRO A 118 -12.78 -35.70 -19.25
N LEU A 119 -11.68 -34.94 -19.19
CA LEU A 119 -11.65 -33.71 -18.41
C LEU A 119 -12.81 -32.81 -18.81
N SER A 120 -13.64 -32.47 -17.84
CA SER A 120 -14.81 -31.64 -18.10
C SER A 120 -14.53 -30.30 -18.76
N ASN A 121 -15.52 -29.81 -19.48
CA ASN A 121 -15.46 -28.53 -20.19
C ASN A 121 -14.17 -28.26 -20.95
N ARG A 122 -13.62 -29.32 -21.54
CA ARG A 122 -12.39 -29.20 -22.31
C ARG A 122 -12.37 -30.27 -23.39
N ILE A 123 -11.82 -29.92 -24.55
CA ILE A 123 -11.74 -30.87 -25.65
C ILE A 123 -10.50 -31.72 -25.43
N ASN A 124 -10.70 -32.96 -25.01
CA ASN A 124 -9.58 -33.85 -24.74
C ASN A 124 -8.98 -34.39 -26.04
N VAL A 125 -7.64 -34.49 -26.05
CA VAL A 125 -6.88 -35.01 -27.17
C VAL A 125 -5.81 -35.93 -26.59
N ILE A 126 -5.64 -37.11 -27.18
CA ILE A 126 -4.66 -38.05 -26.68
C ILE A 126 -3.64 -38.51 -27.71
N LEU A 127 -2.37 -38.48 -27.32
CA LEU A 127 -1.31 -38.93 -28.20
C LEU A 127 -1.08 -40.40 -27.92
N SER A 128 -1.00 -41.20 -28.97
CA SER A 128 -0.78 -42.63 -28.82
C SER A 128 -0.58 -43.33 -30.16
N ARG A 129 0.16 -44.43 -30.12
CA ARG A 129 0.41 -45.25 -31.30
C ARG A 129 -0.33 -46.55 -31.00
N THR A 130 0.09 -47.19 -29.92
CA THR A 130 -0.48 -48.46 -29.49
C THR A 130 -2.01 -48.47 -29.39
N LEU A 131 -2.63 -47.31 -29.26
CA LEU A 131 -4.09 -47.29 -29.14
C LEU A 131 -4.74 -46.44 -30.21
N LYS A 132 -5.99 -46.79 -30.53
CA LYS A 132 -6.76 -46.08 -31.54
C LYS A 132 -8.16 -45.82 -31.05
N LYS A 133 -8.90 -45.00 -31.80
CA LYS A 133 -10.28 -44.63 -31.48
C LYS A 133 -11.12 -45.78 -30.95
N GLU A 134 -11.01 -46.93 -31.60
CA GLU A 134 -11.75 -48.12 -31.22
C GLU A 134 -11.56 -48.52 -29.76
N ASP A 135 -10.39 -48.19 -29.21
CA ASP A 135 -10.08 -48.55 -27.83
C ASP A 135 -10.61 -47.61 -26.76
N PHE A 136 -11.23 -46.51 -27.18
CA PHE A 136 -11.77 -45.56 -26.22
C PHE A 136 -13.28 -45.40 -26.37
N ASP A 137 -13.97 -45.43 -25.24
CA ASP A 137 -15.41 -45.27 -25.20
C ASP A 137 -15.75 -43.78 -25.06
N GLU A 138 -14.80 -43.03 -24.55
CA GLU A 138 -14.98 -41.61 -24.29
C GLU A 138 -14.95 -40.66 -25.48
N ASP A 139 -15.50 -39.47 -25.25
CA ASP A 139 -15.53 -38.42 -26.26
C ASP A 139 -14.14 -37.83 -26.25
N VAL A 140 -13.23 -38.40 -27.04
CA VAL A 140 -11.87 -37.90 -27.07
C VAL A 140 -11.25 -38.09 -28.43
N TYR A 141 -10.38 -37.16 -28.81
CA TYR A 141 -9.68 -37.20 -30.08
C TYR A 141 -8.37 -37.98 -29.89
N ILE A 142 -8.06 -38.86 -30.84
CA ILE A 142 -6.83 -39.64 -30.79
C ILE A 142 -5.96 -39.21 -31.96
N ILE A 143 -4.66 -39.08 -31.71
CA ILE A 143 -3.73 -38.70 -32.77
C ILE A 143 -2.44 -39.46 -32.53
N ASN A 144 -1.70 -39.74 -33.60
CA ASN A 144 -0.45 -40.49 -33.47
C ASN A 144 0.76 -39.75 -34.04
N LYS A 145 0.60 -38.46 -34.30
CA LYS A 145 1.66 -37.62 -34.83
C LYS A 145 1.43 -36.24 -34.25
N VAL A 146 2.48 -35.60 -33.77
CA VAL A 146 2.34 -34.25 -33.23
C VAL A 146 1.73 -33.37 -34.33
N GLU A 147 2.15 -33.64 -35.57
CA GLU A 147 1.65 -32.89 -36.71
C GLU A 147 0.12 -32.98 -36.77
N ASP A 148 -0.41 -34.16 -36.51
CA ASP A 148 -1.86 -34.38 -36.55
C ASP A 148 -2.60 -33.40 -35.63
N LEU A 149 -1.99 -33.08 -34.49
CA LEU A 149 -2.59 -32.14 -33.54
C LEU A 149 -2.73 -30.76 -34.17
N ILE A 150 -1.73 -30.37 -34.97
CA ILE A 150 -1.76 -29.07 -35.62
C ILE A 150 -2.92 -29.00 -36.62
N VAL A 151 -3.04 -30.06 -37.42
CA VAL A 151 -4.11 -30.09 -38.41
C VAL A 151 -5.45 -30.00 -37.66
N LEU A 152 -5.57 -30.75 -36.56
CA LEU A 152 -6.80 -30.75 -35.77
C LEU A 152 -7.16 -29.37 -35.24
N LEU A 153 -6.19 -28.67 -34.68
CA LEU A 153 -6.45 -27.35 -34.14
C LEU A 153 -7.04 -26.45 -35.21
N GLY A 154 -6.62 -26.67 -36.46
CA GLY A 154 -7.12 -25.87 -37.57
C GLY A 154 -8.59 -26.12 -37.89
N LYS A 155 -9.12 -27.25 -37.42
CA LYS A 155 -10.50 -27.61 -37.68
C LYS A 155 -11.41 -27.42 -36.47
N LEU A 156 -10.82 -27.19 -35.32
CA LEU A 156 -11.63 -27.03 -34.12
C LEU A 156 -11.83 -25.58 -33.76
N ASN A 157 -12.89 -25.32 -32.99
CA ASN A 157 -13.17 -23.98 -32.49
C ASN A 157 -12.76 -24.07 -31.03
N TYR A 158 -11.67 -23.41 -30.66
CA TYR A 158 -11.22 -23.45 -29.28
C TYR A 158 -10.52 -22.16 -28.89
N TYR A 159 -10.37 -21.94 -27.60
CA TYR A 159 -9.70 -20.76 -27.10
C TYR A 159 -8.20 -21.00 -27.09
N LYS A 160 -7.73 -21.81 -26.15
CA LYS A 160 -6.30 -22.10 -26.04
C LYS A 160 -6.02 -23.59 -25.96
N CYS A 161 -4.80 -23.98 -26.29
CA CYS A 161 -4.41 -25.38 -26.26
C CYS A 161 -3.31 -25.64 -25.22
N PHE A 162 -3.62 -26.47 -24.24
CA PHE A 162 -2.68 -26.80 -23.18
C PHE A 162 -2.19 -28.23 -23.28
N ILE A 163 -0.88 -28.40 -23.09
CA ILE A 163 -0.25 -29.72 -23.12
C ILE A 163 -0.19 -30.22 -21.67
N LEU A 164 -1.17 -31.03 -21.26
CA LEU A 164 -1.21 -31.54 -19.89
C LEU A 164 -0.02 -32.42 -19.60
N GLY A 165 0.78 -32.59 -20.63
CA GLY A 165 2.01 -33.33 -20.51
C GLY A 165 2.09 -34.84 -20.43
N GLY A 166 3.22 -35.20 -19.84
CA GLY A 166 3.68 -36.55 -19.64
C GLY A 166 5.13 -36.19 -19.94
N SER A 167 6.08 -36.84 -19.29
CA SER A 167 7.48 -36.51 -19.54
C SER A 167 7.77 -36.50 -21.03
N VAL A 168 7.47 -37.61 -21.70
CA VAL A 168 7.69 -37.74 -23.13
C VAL A 168 7.03 -36.60 -23.91
N VAL A 169 5.73 -36.43 -23.71
CA VAL A 169 4.99 -35.39 -24.40
C VAL A 169 5.60 -34.01 -24.21
N TYR A 170 5.97 -33.67 -22.98
CA TYR A 170 6.57 -32.37 -22.70
C TYR A 170 7.83 -32.14 -23.49
N GLN A 171 8.72 -33.12 -23.43
CA GLN A 171 9.99 -33.06 -24.13
C GLN A 171 9.87 -32.71 -25.61
N GLU A 172 9.19 -33.57 -26.37
CA GLU A 172 9.05 -33.32 -27.80
C GLU A 172 8.39 -31.99 -28.14
N PHE A 173 7.42 -31.56 -27.33
CA PHE A 173 6.76 -30.29 -27.60
C PHE A 173 7.70 -29.10 -27.40
N LEU A 174 8.61 -29.22 -26.45
CA LEU A 174 9.57 -28.16 -26.20
C LEU A 174 10.64 -28.18 -27.29
N GLU A 175 11.08 -29.38 -27.67
CA GLU A 175 12.09 -29.52 -28.72
C GLU A 175 11.58 -28.94 -30.04
N LYS A 176 10.33 -29.22 -30.37
CA LYS A 176 9.73 -28.71 -31.60
C LYS A 176 9.37 -27.25 -31.36
N LYS A 177 9.80 -26.72 -30.22
CA LYS A 177 9.54 -25.33 -29.85
C LYS A 177 8.10 -24.93 -30.09
N LEU A 178 7.16 -25.79 -29.71
CA LEU A 178 5.74 -25.50 -29.89
C LEU A 178 5.08 -24.87 -28.64
N ILE A 179 5.86 -24.67 -27.57
CA ILE A 179 5.33 -24.09 -26.34
C ILE A 179 5.56 -22.57 -26.25
N LYS A 180 4.47 -21.84 -26.12
CA LYS A 180 4.50 -20.37 -26.03
C LYS A 180 4.79 -19.93 -24.59
N LYS A 181 4.20 -20.65 -23.63
CA LYS A 181 4.40 -20.37 -22.21
C LYS A 181 4.31 -21.66 -21.41
N ILE A 182 4.95 -21.68 -20.24
CA ILE A 182 4.94 -22.84 -19.35
C ILE A 182 4.39 -22.44 -17.99
N TYR A 183 3.21 -22.93 -17.65
CA TYR A 183 2.59 -22.65 -16.37
C TYR A 183 3.16 -23.73 -15.45
N PHE A 184 4.13 -23.31 -14.64
CA PHE A 184 4.89 -24.19 -13.75
C PHE A 184 4.59 -24.10 -12.26
N THR A 185 4.11 -25.19 -11.69
CA THR A 185 3.80 -25.22 -10.26
C THR A 185 5.00 -25.80 -9.55
N ARG A 186 5.55 -25.03 -8.59
CA ARG A 186 6.70 -25.50 -7.84
C ARG A 186 6.24 -26.03 -6.49
N ILE A 187 6.26 -27.35 -6.35
CA ILE A 187 5.86 -27.99 -5.10
C ILE A 187 7.13 -28.02 -4.25
N ASN A 188 7.15 -27.28 -3.14
CA ASN A 188 8.35 -27.22 -2.32
C ASN A 188 8.51 -28.28 -1.24
N SER A 189 8.56 -29.53 -1.70
CA SER A 189 8.76 -30.70 -0.85
C SER A 189 9.35 -31.80 -1.74
N THR A 190 10.04 -32.76 -1.13
CA THR A 190 10.66 -33.84 -1.89
C THR A 190 9.84 -35.12 -1.89
N TYR A 191 9.92 -35.86 -3.00
CA TYR A 191 9.18 -37.12 -3.15
C TYR A 191 9.94 -38.06 -4.08
N GLU A 192 9.66 -39.35 -3.96
CA GLU A 192 10.29 -40.35 -4.82
C GLU A 192 9.74 -40.12 -6.23
N CYS A 193 10.62 -40.19 -7.23
CA CYS A 193 10.19 -39.97 -8.61
C CYS A 193 10.96 -40.81 -9.61
N ASP A 194 10.31 -41.19 -10.71
CA ASP A 194 10.97 -41.95 -11.77
C ASP A 194 10.89 -41.23 -13.11
N VAL A 195 10.05 -40.21 -13.19
CA VAL A 195 9.91 -39.45 -14.42
C VAL A 195 10.13 -37.97 -14.08
N PHE A 196 10.72 -37.22 -15.01
CA PHE A 196 11.01 -35.81 -14.74
C PHE A 196 10.65 -34.87 -15.87
N PHE A 197 10.47 -33.59 -15.51
CA PHE A 197 10.16 -32.58 -16.50
C PHE A 197 11.48 -32.21 -17.17
N PRO A 198 11.45 -31.94 -18.48
CA PRO A 198 12.69 -31.59 -19.19
C PRO A 198 13.39 -30.40 -18.55
N GLU A 199 14.68 -30.27 -18.83
CA GLU A 199 15.48 -29.17 -18.31
C GLU A 199 15.27 -27.99 -19.25
N ILE A 200 14.59 -26.95 -18.75
CA ILE A 200 14.31 -25.76 -19.54
C ILE A 200 15.56 -24.94 -19.83
N ASN A 201 15.68 -24.46 -21.07
CA ASN A 201 16.83 -23.65 -21.47
C ASN A 201 16.48 -22.19 -21.22
N GLU A 202 17.23 -21.55 -20.33
CA GLU A 202 16.98 -20.16 -19.99
C GLU A 202 17.18 -19.19 -21.16
N ASN A 203 17.76 -19.68 -22.25
CA ASN A 203 17.98 -18.84 -23.42
C ASN A 203 16.77 -18.93 -24.32
N GLU A 204 15.91 -19.91 -24.03
CA GLU A 204 14.69 -20.11 -24.79
C GLU A 204 13.52 -19.67 -23.96
N TYR A 205 13.62 -19.84 -22.66
CA TYR A 205 12.55 -19.47 -21.76
C TYR A 205 13.01 -18.71 -20.54
N GLN A 206 12.27 -17.66 -20.18
CA GLN A 206 12.57 -16.87 -18.99
C GLN A 206 11.31 -16.64 -18.15
N ILE A 207 11.45 -16.77 -16.84
CA ILE A 207 10.34 -16.58 -15.92
C ILE A 207 9.84 -15.14 -16.00
N ILE A 208 8.53 -14.95 -16.24
CA ILE A 208 7.99 -13.60 -16.32
C ILE A 208 7.04 -13.23 -15.18
N SER A 209 6.58 -14.23 -14.44
CA SER A 209 5.68 -13.97 -13.31
C SER A 209 5.85 -15.00 -12.21
N VAL A 210 5.71 -14.54 -10.97
CA VAL A 210 5.84 -15.39 -9.79
C VAL A 210 4.64 -15.09 -8.89
N SER A 211 3.91 -16.13 -8.53
CA SER A 211 2.72 -15.97 -7.72
C SER A 211 2.98 -15.88 -6.23
N ASP A 212 1.89 -15.67 -5.49
CA ASP A 212 1.94 -15.61 -4.04
C ASP A 212 2.39 -17.01 -3.63
N VAL A 213 2.73 -17.19 -2.35
CA VAL A 213 3.12 -18.50 -1.87
C VAL A 213 1.99 -19.01 -0.99
N TYR A 214 1.71 -20.30 -1.07
CA TYR A 214 0.64 -20.91 -0.29
C TYR A 214 1.07 -22.23 0.33
N THR A 215 0.21 -22.73 1.22
CA THR A 215 0.43 -24.02 1.85
C THR A 215 -0.77 -24.88 1.53
N SER A 216 -0.52 -26.11 1.12
CA SER A 216 -1.60 -27.03 0.80
C SER A 216 -1.14 -28.46 1.02
N ASN A 217 -1.86 -29.18 1.86
CA ASN A 217 -1.50 -30.56 2.13
C ASN A 217 -0.07 -30.70 2.64
N ASN A 218 0.26 -29.93 3.67
CA ASN A 218 1.58 -29.96 4.30
C ASN A 218 2.78 -29.57 3.46
N THR A 219 2.58 -28.64 2.53
CA THR A 219 3.69 -28.20 1.71
C THR A 219 3.39 -26.84 1.11
N THR A 220 4.43 -26.04 0.97
CA THR A 220 4.28 -24.72 0.38
C THR A 220 4.43 -24.92 -1.11
N LEU A 221 3.92 -23.99 -1.90
CA LEU A 221 4.01 -24.09 -3.35
C LEU A 221 3.67 -22.73 -3.92
N ASP A 222 4.16 -22.49 -5.13
CA ASP A 222 3.85 -21.25 -5.83
C ASP A 222 3.72 -21.54 -7.33
N PHE A 223 3.31 -20.54 -8.09
CA PHE A 223 3.13 -20.70 -9.52
C PHE A 223 3.93 -19.66 -10.30
N ILE A 224 4.80 -20.11 -11.18
CA ILE A 224 5.59 -19.19 -11.98
C ILE A 224 5.27 -19.43 -13.46
N ILE A 225 5.53 -18.42 -14.29
CA ILE A 225 5.25 -18.53 -15.70
C ILE A 225 6.48 -18.30 -16.56
N TYR A 226 6.86 -19.30 -17.34
CA TYR A 226 8.00 -19.18 -18.24
C TYR A 226 7.43 -18.70 -19.56
N LYS A 227 8.19 -17.92 -20.32
CA LYS A 227 7.71 -17.43 -21.60
C LYS A 227 8.80 -17.61 -22.66
N LYS A 228 8.38 -17.93 -23.88
CA LYS A 228 9.33 -18.12 -24.97
C LYS A 228 9.93 -16.75 -25.24
N THR A 229 11.25 -16.71 -25.41
CA THR A 229 11.92 -15.45 -25.67
C THR A 229 12.44 -15.37 -27.09
N ASN A 230 12.55 -14.16 -27.60
CA ASN A 230 13.05 -13.92 -28.95
C ASN A 230 14.56 -14.15 -28.95
N ASN A 231 14.98 -15.30 -29.49
CA ASN A 231 16.40 -15.67 -29.56
C ASN A 231 17.29 -14.62 -30.23
N ASP A 283 -14.48 -0.08 -21.26
CA ASP A 283 -14.65 1.30 -21.78
C ASP A 283 -13.33 2.01 -22.04
N ASP A 284 -13.40 3.08 -22.83
CA ASP A 284 -12.23 3.88 -23.16
C ASP A 284 -12.57 5.37 -23.13
N GLU A 285 -12.33 5.99 -21.97
CA GLU A 285 -12.57 7.41 -21.74
C GLU A 285 -12.01 7.68 -20.36
N GLU A 286 -12.31 6.76 -19.45
CA GLU A 286 -11.81 6.86 -18.08
C GLU A 286 -10.34 6.43 -18.14
N GLU A 287 -9.81 6.36 -19.36
CA GLU A 287 -8.42 5.99 -19.61
C GLU A 287 -7.67 7.27 -19.90
N ASP A 288 -8.36 8.22 -20.53
CA ASP A 288 -7.76 9.51 -20.84
C ASP A 288 -7.68 10.30 -19.55
N ASP A 289 -8.72 10.16 -18.72
CA ASP A 289 -8.77 10.85 -17.44
C ASP A 289 -7.62 10.41 -16.53
N PHE A 290 -7.20 9.16 -16.69
CA PHE A 290 -6.10 8.63 -15.89
C PHE A 290 -4.83 9.39 -16.29
N VAL A 291 -4.68 9.63 -17.59
CA VAL A 291 -3.52 10.34 -18.13
C VAL A 291 -3.50 11.76 -17.59
N TYR A 292 -4.67 12.35 -17.47
CA TYR A 292 -4.77 13.72 -16.98
C TYR A 292 -4.28 13.84 -15.53
N PHE A 293 -4.82 13.02 -14.64
CA PHE A 293 -4.43 13.08 -13.24
C PHE A 293 -2.94 12.89 -13.00
N ASN A 294 -2.22 12.38 -13.99
CA ASN A 294 -0.78 12.19 -13.85
C ASN A 294 -0.04 13.34 -14.52
N PHE A 295 -0.76 14.44 -14.72
CA PHE A 295 -0.19 15.62 -15.37
C PHE A 295 0.96 16.25 -14.60
N ASN A 296 1.02 16.03 -13.30
CA ASN A 296 2.07 16.64 -12.49
C ASN A 296 3.22 15.70 -12.12
N LYS A 297 3.05 14.41 -12.39
CA LYS A 297 4.10 13.46 -12.09
C LYS A 297 5.38 13.98 -12.77
N GLU A 298 6.45 14.12 -11.98
CA GLU A 298 7.72 14.62 -12.51
C GLU A 298 8.10 13.86 -13.77
N LYS A 299 8.97 14.45 -14.58
CA LYS A 299 9.41 13.79 -15.80
C LYS A 299 10.49 12.76 -15.46
N GLU A 300 11.26 12.36 -16.47
CA GLU A 300 12.34 11.41 -16.30
C GLU A 300 13.62 12.22 -16.11
N GLU A 301 14.66 11.60 -15.56
CA GLU A 301 15.92 12.29 -15.31
C GLU A 301 15.69 13.34 -14.21
N LYS A 302 14.95 12.90 -13.19
CA LYS A 302 14.60 13.73 -12.03
C LYS A 302 14.11 12.75 -10.96
N ASN A 303 14.40 11.46 -11.17
CA ASN A 303 14.01 10.40 -10.25
C ASN A 303 14.58 10.68 -8.86
N LYS A 304 15.91 10.54 -8.72
CA LYS A 304 16.63 10.81 -7.47
C LYS A 304 18.10 10.38 -7.46
N ASN A 305 18.38 9.18 -7.99
CA ASN A 305 19.76 8.69 -7.99
C ASN A 305 20.27 8.23 -9.36
N SER A 306 21.58 8.03 -9.42
CA SER A 306 22.26 7.60 -10.64
C SER A 306 22.28 6.08 -10.78
N ILE A 307 21.09 5.49 -10.85
CA ILE A 307 20.96 4.06 -11.01
C ILE A 307 20.78 3.73 -12.49
N HIS A 308 21.61 2.81 -13.01
CA HIS A 308 21.55 2.45 -14.42
C HIS A 308 20.42 1.47 -14.74
N PRO A 309 19.90 1.52 -15.97
CA PRO A 309 18.81 0.64 -16.42
C PRO A 309 19.12 -0.83 -16.19
N ASN A 310 20.08 -1.32 -16.97
CA ASN A 310 20.52 -2.72 -16.91
C ASN A 310 20.80 -3.26 -15.51
N ASP A 311 20.88 -2.37 -14.52
CA ASP A 311 21.14 -2.81 -13.16
C ASP A 311 20.02 -3.71 -12.63
N PHE A 312 18.81 -3.52 -13.13
CA PHE A 312 17.66 -4.31 -12.69
C PHE A 312 16.89 -4.89 -13.86
N GLN A 313 17.62 -5.21 -14.91
CA GLN A 313 17.07 -5.78 -16.13
C GLN A 313 16.05 -6.87 -15.84
N ILE A 314 16.49 -7.92 -15.16
CA ILE A 314 15.62 -9.01 -14.81
C ILE A 314 14.47 -8.55 -13.92
N TYR A 315 14.81 -8.00 -12.76
CA TYR A 315 13.82 -7.51 -11.81
C TYR A 315 12.67 -6.75 -12.46
N ASN A 316 12.95 -5.99 -13.53
CA ASN A 316 11.91 -5.22 -14.18
C ASN A 316 11.26 -5.96 -15.35
N SER A 317 11.86 -7.07 -15.74
CA SER A 317 11.31 -7.85 -16.84
C SER A 317 10.06 -8.54 -16.32
N LEU A 318 10.08 -8.91 -15.05
CA LEU A 318 8.97 -9.59 -14.43
C LEU A 318 7.67 -8.80 -14.52
N LYS A 319 6.63 -9.46 -15.02
CA LYS A 319 5.32 -8.84 -15.17
C LYS A 319 4.60 -8.78 -13.83
N TYR A 320 4.42 -9.95 -13.22
CA TYR A 320 3.74 -10.04 -11.93
C TYR A 320 4.70 -10.50 -10.84
N LYS A 321 4.97 -9.62 -9.87
CA LYS A 321 5.87 -9.92 -8.76
C LYS A 321 5.05 -10.04 -7.46
N TYR A 322 4.22 -11.07 -7.40
CA TYR A 322 3.33 -11.33 -6.27
C TYR A 322 3.89 -12.15 -5.12
N HIS A 323 5.06 -12.75 -5.32
CA HIS A 323 5.70 -13.54 -4.26
C HIS A 323 5.94 -12.58 -3.08
N PRO A 324 5.62 -13.00 -1.85
CA PRO A 324 5.83 -12.13 -0.69
C PRO A 324 7.20 -11.50 -0.54
N GLU A 325 8.25 -12.21 -0.96
CA GLU A 325 9.60 -11.67 -0.84
C GLU A 325 9.76 -10.35 -1.57
N TYR A 326 8.83 -10.04 -2.47
CA TYR A 326 8.91 -8.78 -3.20
C TYR A 326 8.54 -7.59 -2.33
N GLN A 327 7.91 -7.85 -1.19
CA GLN A 327 7.58 -6.76 -0.30
C GLN A 327 8.89 -6.17 0.19
N TYR A 328 9.83 -7.07 0.45
CA TYR A 328 11.14 -6.66 0.91
C TYR A 328 11.93 -6.08 -0.27
N LEU A 329 12.08 -6.88 -1.33
CA LEU A 329 12.82 -6.46 -2.51
C LEU A 329 12.34 -5.13 -3.10
N ASN A 330 11.01 -4.91 -3.14
CA ASN A 330 10.48 -3.67 -3.69
C ASN A 330 10.86 -2.46 -2.84
N ILE A 331 11.10 -2.71 -1.56
CA ILE A 331 11.49 -1.64 -0.65
C ILE A 331 12.94 -1.30 -0.92
N ILE A 332 13.76 -2.32 -1.15
CA ILE A 332 15.18 -2.11 -1.46
C ILE A 332 15.23 -1.25 -2.73
N TYR A 333 14.42 -1.63 -3.71
CA TYR A 333 14.38 -0.92 -4.99
C TYR A 333 13.92 0.52 -4.83
N ASP A 334 12.84 0.74 -4.08
CA ASP A 334 12.34 2.08 -3.90
C ASP A 334 13.38 2.97 -3.24
N ILE A 335 14.13 2.40 -2.30
CA ILE A 335 15.16 3.19 -1.63
C ILE A 335 16.29 3.52 -2.60
N MET A 336 16.70 2.55 -3.42
CA MET A 336 17.77 2.78 -4.39
C MET A 336 17.39 3.77 -5.51
N MET A 337 16.10 3.86 -5.80
CA MET A 337 15.64 4.75 -6.85
C MET A 337 15.23 6.11 -6.33
N ASN A 338 14.65 6.16 -5.13
CA ASN A 338 14.16 7.41 -4.58
C ASN A 338 14.68 7.78 -3.21
N GLY A 339 15.62 7.00 -2.70
CA GLY A 339 16.16 7.27 -1.37
C GLY A 339 16.80 8.65 -1.26
N ASN A 340 17.12 9.04 -0.03
CA ASN A 340 17.75 10.32 0.22
C ASN A 340 19.19 10.10 0.63
N LYS A 341 20.10 10.90 0.12
CA LYS A 341 21.50 10.74 0.48
C LYS A 341 21.73 11.36 1.84
N GLN A 342 22.18 10.55 2.79
CA GLN A 342 22.44 11.02 4.14
C GLN A 342 23.64 10.33 4.71
N SER A 343 24.29 11.00 5.65
CA SER A 343 25.45 10.44 6.33
C SER A 343 24.84 9.76 7.55
N ASP A 344 25.63 8.98 8.28
CA ASP A 344 25.08 8.31 9.45
C ASP A 344 26.05 8.17 10.60
N ARG A 345 25.52 7.65 11.70
CA ARG A 345 26.27 7.43 12.93
C ARG A 345 27.64 6.82 12.64
N THR A 346 27.79 6.17 11.49
CA THR A 346 29.06 5.55 11.11
C THR A 346 29.91 6.52 10.28
N GLY A 347 29.70 6.49 8.96
CA GLY A 347 30.45 7.35 8.06
C GLY A 347 30.34 6.81 6.65
N VAL A 348 29.74 5.63 6.52
CA VAL A 348 29.56 5.00 5.24
C VAL A 348 28.59 5.78 4.35
N GLY A 349 27.57 6.34 4.98
CA GLY A 349 26.57 7.09 4.24
C GLY A 349 25.49 6.11 3.82
N VAL A 350 24.27 6.62 3.64
CA VAL A 350 23.17 5.75 3.26
C VAL A 350 22.10 6.42 2.41
N LEU A 351 21.24 5.58 1.85
CA LEU A 351 20.09 6.04 1.09
C LEU A 351 18.95 5.67 2.05
N SER A 352 18.07 6.62 2.34
CA SER A 352 16.99 6.34 3.28
C SER A 352 15.62 6.89 2.87
N LYS A 353 14.59 6.23 3.38
CA LYS A 353 13.21 6.63 3.15
C LYS A 353 12.56 6.52 4.51
N PHE A 354 11.37 7.07 4.67
CA PHE A 354 10.74 7.04 5.97
C PHE A 354 9.32 6.51 6.00
N GLY A 355 9.14 5.33 6.58
CA GLY A 355 7.81 4.77 6.69
C GLY A 355 7.35 3.74 5.68
N TYR A 356 7.53 2.47 6.02
CA TYR A 356 7.12 1.35 5.17
C TYR A 356 6.41 0.34 6.05
N ILE A 357 5.65 -0.56 5.40
CA ILE A 357 4.95 -1.60 6.12
C ILE A 357 4.94 -2.88 5.28
N MET A 358 5.26 -4.01 5.89
CA MET A 358 5.28 -5.29 5.20
C MET A 358 4.41 -6.26 5.97
N LYS A 359 3.68 -7.10 5.25
CA LYS A 359 2.82 -8.10 5.89
C LYS A 359 3.13 -9.50 5.42
N PHE A 360 3.31 -10.42 6.36
CA PHE A 360 3.60 -11.80 6.00
C PHE A 360 2.58 -12.73 6.62
N ASP A 361 1.99 -13.59 5.80
CA ASP A 361 0.97 -14.53 6.26
C ASP A 361 1.64 -15.81 6.76
N LEU A 362 1.94 -15.87 8.05
CA LEU A 362 2.60 -17.01 8.64
C LEU A 362 1.81 -18.31 8.57
N SER A 363 0.56 -18.22 8.14
CA SER A 363 -0.27 -19.42 8.06
C SER A 363 0.00 -20.13 6.73
N GLN A 364 0.60 -19.41 5.79
CA GLN A 364 0.89 -19.97 4.48
C GLN A 364 2.37 -20.23 4.23
N TYR A 365 3.23 -19.70 5.08
CA TYR A 365 4.67 -19.88 4.88
C TYR A 365 5.49 -19.18 5.96
N PHE A 366 6.79 -19.47 5.96
CA PHE A 366 7.71 -18.82 6.88
C PHE A 366 8.56 -17.94 5.97
N PRO A 367 8.49 -16.62 6.15
CA PRO A 367 9.24 -15.68 5.32
C PRO A 367 10.75 -15.55 5.52
N LEU A 368 11.47 -16.61 5.18
CA LEU A 368 12.92 -16.58 5.28
C LEU A 368 13.40 -16.23 3.88
N LEU A 369 13.94 -15.03 3.69
CA LEU A 369 14.38 -14.60 2.36
C LEU A 369 15.08 -15.71 1.59
N THR A 370 14.69 -15.87 0.33
CA THR A 370 15.24 -16.92 -0.54
C THR A 370 16.19 -16.41 -1.60
N THR A 371 16.26 -15.10 -1.76
CA THR A 371 17.15 -14.55 -2.77
C THR A 371 18.59 -14.49 -2.27
N LYS A 372 18.85 -15.18 -1.16
CA LYS A 372 20.19 -15.25 -0.56
C LYS A 372 20.11 -16.16 0.66
N LYS A 373 21.23 -16.79 1.01
CA LYS A 373 21.22 -17.70 2.15
C LYS A 373 21.22 -17.03 3.53
N LEU A 374 20.38 -17.54 4.42
CA LEU A 374 20.28 -17.02 5.79
C LEU A 374 20.29 -18.17 6.78
N PHE A 375 20.98 -18.00 7.91
CA PHE A 375 21.03 -19.03 8.93
C PHE A 375 20.18 -18.55 10.09
N LEU A 376 19.52 -19.47 10.80
CA LEU A 376 18.66 -19.06 11.92
C LEU A 376 19.08 -19.44 13.34
N ARG A 377 20.14 -20.24 13.48
CA ARG A 377 20.58 -20.65 14.81
C ARG A 377 20.88 -19.45 15.70
N GLY A 378 21.57 -18.46 15.15
CA GLY A 378 21.91 -17.28 15.91
C GLY A 378 20.69 -16.52 16.44
N ILE A 379 19.89 -16.00 15.52
CA ILE A 379 18.70 -15.23 15.89
C ILE A 379 17.77 -16.00 16.80
N ILE A 380 17.84 -17.33 16.77
CA ILE A 380 17.00 -18.12 17.65
C ILE A 380 17.60 -18.09 19.05
N GLU A 381 18.92 -18.27 19.15
CA GLU A 381 19.58 -18.24 20.45
C GLU A 381 19.39 -16.85 21.07
N GLU A 382 19.40 -15.82 20.23
CA GLU A 382 19.23 -14.44 20.72
C GLU A 382 17.85 -14.30 21.33
N LEU A 383 16.86 -14.77 20.59
CA LEU A 383 15.46 -14.74 21.00
C LEU A 383 15.29 -15.47 22.32
N LEU A 384 15.90 -16.64 22.43
CA LEU A 384 15.84 -17.42 23.66
C LEU A 384 16.51 -16.63 24.78
N TRP A 385 17.63 -16.02 24.41
CA TRP A 385 18.44 -15.19 25.30
C TRP A 385 17.57 -14.03 25.82
N PHE A 386 16.80 -13.39 24.94
CA PHE A 386 15.93 -12.30 25.37
C PHE A 386 14.94 -12.84 26.40
N ILE A 387 14.21 -13.87 26.01
CA ILE A 387 13.19 -14.47 26.87
C ILE A 387 13.70 -14.72 28.27
N ARG A 388 14.93 -15.19 28.40
CA ARG A 388 15.48 -15.46 29.73
C ARG A 388 15.76 -14.15 30.49
N GLY A 389 15.70 -13.03 29.79
CA GLY A 389 15.96 -11.73 30.40
C GLY A 389 17.44 -11.40 30.51
N GLU A 390 18.28 -12.19 29.85
CA GLU A 390 19.72 -11.99 29.89
C GLU A 390 20.22 -10.70 29.26
N THR A 391 21.40 -10.29 29.72
CA THR A 391 22.07 -9.11 29.23
C THR A 391 23.56 -9.41 29.14
N ASN A 392 23.94 -10.64 29.45
CA ASN A 392 25.34 -11.06 29.41
C ASN A 392 25.74 -11.50 28.00
N GLY A 393 26.55 -10.68 27.35
CA GLY A 393 26.99 -10.98 26.00
C GLY A 393 27.79 -12.24 25.89
N ASN A 394 28.40 -12.67 26.99
CA ASN A 394 29.21 -13.88 26.99
C ASN A 394 28.36 -15.12 26.72
N THR A 395 27.12 -15.10 27.22
CA THR A 395 26.24 -16.24 27.01
C THR A 395 26.10 -16.57 25.52
N LEU A 396 26.02 -15.53 24.67
CA LEU A 396 25.89 -15.75 23.24
C LEU A 396 27.22 -16.15 22.62
N LEU A 397 28.26 -15.41 22.95
CA LEU A 397 29.59 -15.72 22.42
C LEU A 397 29.98 -17.17 22.66
N ASN A 398 29.60 -17.70 23.82
CA ASN A 398 29.93 -19.09 24.16
C ASN A 398 29.12 -20.10 23.36
N LYS A 399 28.16 -19.60 22.59
CA LYS A 399 27.32 -20.46 21.75
C LYS A 399 27.70 -20.12 20.32
N ASN A 400 28.78 -19.35 20.21
CA ASN A 400 29.32 -18.90 18.94
C ASN A 400 28.35 -18.04 18.13
N VAL A 401 27.62 -17.19 18.81
CA VAL A 401 26.69 -16.26 18.19
C VAL A 401 27.33 -14.90 18.47
N ARG A 402 27.65 -14.16 17.42
CA ARG A 402 28.32 -12.87 17.60
C ARG A 402 27.51 -11.64 17.23
N ILE A 403 26.19 -11.77 17.28
CA ILE A 403 25.31 -10.65 16.95
C ILE A 403 25.59 -9.42 17.79
N TRP A 404 25.86 -9.60 19.09
CA TRP A 404 26.15 -8.47 19.98
C TRP A 404 27.62 -8.27 20.37
N GLU A 405 28.51 -9.04 19.77
CA GLU A 405 29.93 -8.93 20.11
C GLU A 405 30.50 -7.52 19.98
N ALA A 406 30.34 -6.92 18.80
CA ALA A 406 30.85 -5.58 18.54
C ALA A 406 30.31 -4.50 19.50
N ASN A 407 29.14 -4.72 20.08
CA ASN A 407 28.57 -3.72 20.99
C ASN A 407 28.93 -3.96 22.45
N GLY A 408 29.82 -4.91 22.72
CA GLY A 408 30.22 -5.18 24.09
C GLY A 408 31.70 -5.00 24.37
N THR A 409 32.47 -4.62 23.36
CA THR A 409 33.91 -4.44 23.53
C THR A 409 34.23 -3.24 24.43
N ARG A 410 35.42 -3.27 25.03
CA ARG A 410 35.86 -2.19 25.89
C ARG A 410 35.71 -0.89 25.14
N GLU A 411 36.16 -0.88 23.89
CA GLU A 411 36.10 0.31 23.07
C GLU A 411 34.67 0.80 22.89
N PHE A 412 33.80 -0.07 22.38
CA PHE A 412 32.42 0.32 22.16
C PHE A 412 31.80 0.92 23.41
N LEU A 413 31.87 0.18 24.51
CA LEU A 413 31.31 0.64 25.78
C LEU A 413 31.85 1.99 26.21
N ASP A 414 33.16 2.19 26.04
CA ASP A 414 33.77 3.46 26.42
C ASP A 414 33.23 4.59 25.57
N ASN A 415 33.04 4.34 24.29
CA ASN A 415 32.51 5.36 23.40
C ASN A 415 31.10 5.75 23.83
N ARG A 416 30.41 4.85 24.52
CA ARG A 416 29.05 5.13 25.02
C ARG A 416 29.12 5.68 26.43
N LYS A 417 30.31 6.11 26.84
CA LYS A 417 30.50 6.67 28.18
C LYS A 417 30.14 5.67 29.28
N LEU A 418 30.17 4.38 28.94
CA LEU A 418 29.86 3.33 29.91
C LEU A 418 31.19 2.81 30.48
N PHE A 419 32.02 3.75 30.93
CA PHE A 419 33.35 3.44 31.46
C PHE A 419 33.42 2.41 32.57
N HIS A 420 32.36 2.29 33.35
CA HIS A 420 32.36 1.35 34.46
C HIS A 420 31.57 0.09 34.17
N ARG A 421 31.34 -0.19 32.89
CA ARG A 421 30.60 -1.37 32.50
C ARG A 421 31.57 -2.47 32.08
N GLU A 422 31.35 -3.68 32.56
CA GLU A 422 32.20 -4.80 32.23
C GLU A 422 32.00 -5.18 30.76
N VAL A 423 33.08 -5.62 30.13
CA VAL A 423 33.04 -6.03 28.74
C VAL A 423 31.94 -7.05 28.58
N ASN A 424 31.12 -6.84 27.56
CA ASN A 424 30.00 -7.70 27.24
C ASN A 424 28.80 -7.54 28.17
N ASP A 425 28.87 -6.57 29.08
CA ASP A 425 27.73 -6.32 29.94
C ASP A 425 26.91 -5.28 29.16
N LEU A 426 26.04 -5.76 28.28
CA LEU A 426 25.24 -4.89 27.43
C LEU A 426 24.27 -3.92 28.11
N GLY A 427 24.02 -4.11 29.40
CA GLY A 427 23.13 -3.20 30.09
C GLY A 427 21.66 -3.60 29.99
N PRO A 428 20.74 -2.71 30.38
CA PRO A 428 19.30 -2.97 30.34
C PRO A 428 18.68 -2.95 28.95
N ILE A 429 19.08 -3.89 28.10
CA ILE A 429 18.54 -4.00 26.74
C ILE A 429 17.36 -4.97 26.72
N TYR A 430 16.88 -5.29 25.53
CA TYR A 430 15.74 -6.19 25.32
C TYR A 430 15.35 -7.14 26.46
N GLY A 431 16.16 -8.16 26.69
CA GLY A 431 15.86 -9.13 27.74
C GLY A 431 15.42 -8.50 29.04
N PHE A 432 16.28 -7.64 29.59
CA PHE A 432 16.00 -6.96 30.85
C PHE A 432 14.69 -6.17 30.82
N GLN A 433 14.45 -5.44 29.74
CA GLN A 433 13.22 -4.67 29.58
C GLN A 433 11.99 -5.57 29.44
N TRP A 434 12.15 -6.73 28.84
CA TRP A 434 11.03 -7.65 28.66
C TRP A 434 10.61 -8.31 29.95
N ARG A 435 11.56 -8.55 30.86
CA ARG A 435 11.22 -9.20 32.12
C ARG A 435 11.25 -8.32 33.37
N HIS A 436 11.96 -7.19 33.29
CA HIS A 436 12.12 -6.30 34.45
C HIS A 436 12.00 -4.80 34.19
N PHE A 437 11.24 -4.41 33.17
CA PHE A 437 11.11 -2.98 32.87
C PHE A 437 10.83 -2.20 34.14
N GLY A 438 11.68 -1.21 34.42
CA GLY A 438 11.52 -0.39 35.60
C GLY A 438 12.55 -0.66 36.69
N ALA A 439 13.04 -1.89 36.77
CA ALA A 439 14.02 -2.23 37.79
C ALA A 439 15.36 -1.53 37.56
N GLU A 440 15.98 -1.07 38.64
CA GLU A 440 17.27 -0.41 38.54
C GLU A 440 18.32 -1.48 38.15
N TYR A 441 19.04 -1.22 37.06
CA TYR A 441 20.05 -2.16 36.56
C TYR A 441 21.37 -2.00 37.33
N THR A 442 21.96 -3.12 37.74
CA THR A 442 23.21 -3.07 38.46
C THR A 442 24.32 -3.55 37.53
N ASN A 443 24.34 -4.85 37.29
CA ASN A 443 25.29 -5.50 36.41
C ASN A 443 24.64 -6.80 35.87
N MET A 444 25.17 -7.30 34.76
CA MET A 444 24.63 -8.49 34.12
C MET A 444 24.55 -9.76 34.96
N TYR A 445 25.22 -9.80 36.11
CA TYR A 445 25.22 -11.00 36.95
C TYR A 445 24.23 -10.97 38.10
N ASP A 446 23.56 -9.85 38.29
CA ASP A 446 22.62 -9.71 39.40
C ASP A 446 21.36 -10.58 39.24
N ASN A 447 20.67 -10.77 40.36
CA ASN A 447 19.42 -11.52 40.40
C ASN A 447 18.33 -10.47 40.40
N TYR A 448 17.54 -10.39 39.33
CA TYR A 448 16.49 -9.40 39.24
C TYR A 448 15.10 -9.98 39.48
N GLU A 449 15.04 -11.20 40.02
CA GLU A 449 13.77 -11.85 40.27
C GLU A 449 12.68 -10.98 40.87
N ASN A 450 11.54 -10.95 40.18
CA ASN A 450 10.38 -10.19 40.63
C ASN A 450 10.59 -8.69 40.81
N LYS A 451 11.56 -8.13 40.10
CA LYS A 451 11.83 -6.70 40.14
C LYS A 451 11.52 -6.15 38.75
N GLY A 452 10.75 -5.07 38.70
CA GLY A 452 10.38 -4.52 37.41
C GLY A 452 9.16 -5.23 36.87
N VAL A 453 8.57 -4.68 35.81
CA VAL A 453 7.40 -5.27 35.21
C VAL A 453 7.81 -6.40 34.27
N ASP A 454 7.21 -7.58 34.45
CA ASP A 454 7.49 -8.72 33.60
C ASP A 454 6.53 -8.64 32.41
N GLN A 455 6.89 -7.83 31.43
CA GLN A 455 6.05 -7.63 30.24
C GLN A 455 5.68 -8.90 29.52
N LEU A 456 6.67 -9.78 29.33
CA LEU A 456 6.42 -11.01 28.61
C LEU A 456 5.27 -11.78 29.27
N LYS A 457 5.38 -12.04 30.57
CA LYS A 457 4.33 -12.73 31.32
C LYS A 457 3.01 -12.02 31.11
N ASN A 458 3.03 -10.70 31.23
CA ASN A 458 1.84 -9.89 31.08
C ASN A 458 1.10 -10.04 29.76
N ILE A 459 1.83 -10.01 28.64
CA ILE A 459 1.18 -10.09 27.34
C ILE A 459 0.67 -11.48 27.05
N ILE A 460 1.34 -12.50 27.59
CA ILE A 460 0.90 -13.86 27.37
C ILE A 460 -0.38 -14.09 28.15
N ASN A 461 -0.51 -13.44 29.31
CA ASN A 461 -1.74 -13.59 30.09
C ASN A 461 -2.90 -12.86 29.43
N LEU A 462 -2.62 -11.69 28.84
CA LEU A 462 -3.66 -10.91 28.18
C LEU A 462 -4.15 -11.62 26.92
N ILE A 463 -3.24 -12.33 26.25
CA ILE A 463 -3.62 -13.05 25.05
C ILE A 463 -4.53 -14.20 25.44
N LYS A 464 -4.20 -14.83 26.57
CA LYS A 464 -4.98 -15.94 27.09
C LYS A 464 -6.31 -15.55 27.72
N ASN A 465 -6.34 -14.47 28.49
CA ASN A 465 -7.56 -14.10 29.19
C ASN A 465 -8.31 -12.84 28.79
N ASP A 466 -7.73 -12.04 27.91
CA ASP A 466 -8.40 -10.82 27.45
C ASP A 466 -7.91 -10.60 26.02
N PRO A 467 -8.10 -11.60 25.15
CA PRO A 467 -7.70 -11.56 23.74
C PRO A 467 -8.13 -10.33 22.94
N THR A 468 -9.28 -9.75 23.27
CA THR A 468 -9.77 -8.57 22.56
C THR A 468 -9.11 -7.29 23.04
N SER A 469 -8.25 -7.39 24.05
CA SER A 469 -7.55 -6.21 24.57
C SER A 469 -6.76 -5.51 23.47
N ARG A 470 -6.75 -4.19 23.54
CA ARG A 470 -6.03 -3.39 22.58
C ARG A 470 -4.83 -2.80 23.29
N ARG A 471 -4.39 -3.49 24.35
CA ARG A 471 -3.28 -3.03 25.15
C ARG A 471 -2.15 -4.06 25.27
N ILE A 472 -2.19 -5.08 24.42
CA ILE A 472 -1.17 -6.13 24.44
C ILE A 472 0.09 -5.69 23.70
N LEU A 473 0.93 -4.90 24.37
CA LEU A 473 2.18 -4.42 23.79
C LEU A 473 3.39 -4.83 24.58
N LEU A 474 4.50 -5.03 23.88
CA LEU A 474 5.76 -5.39 24.50
C LEU A 474 6.72 -4.28 24.07
N CYS A 475 7.08 -3.40 25.00
CA CYS A 475 7.95 -2.26 24.69
C CYS A 475 9.34 -2.35 25.27
N ALA A 476 10.34 -2.20 24.42
CA ALA A 476 11.74 -2.26 24.86
C ALA A 476 12.34 -0.87 24.98
N TRP A 477 11.63 0.12 24.45
CA TRP A 477 12.12 1.50 24.49
C TRP A 477 11.86 2.16 25.84
N ASN A 478 12.73 1.87 26.81
CA ASN A 478 12.62 2.42 28.15
C ASN A 478 13.37 3.75 28.19
N VAL A 479 12.67 4.84 27.87
CA VAL A 479 13.26 6.17 27.85
C VAL A 479 14.26 6.43 28.99
N LYS A 480 14.00 5.86 30.16
CA LYS A 480 14.86 6.08 31.31
C LYS A 480 16.20 5.37 31.29
N ASP A 481 16.26 4.22 30.62
CA ASP A 481 17.49 3.43 30.59
C ASP A 481 18.27 3.55 29.30
N LEU A 482 17.70 4.16 28.28
CA LEU A 482 18.38 4.28 26.99
C LEU A 482 19.91 4.42 27.11
N ASP A 483 20.36 5.49 27.76
CA ASP A 483 21.79 5.72 27.89
C ASP A 483 22.61 4.58 28.49
N GLN A 484 22.04 3.86 29.45
CA GLN A 484 22.74 2.76 30.08
C GLN A 484 22.82 1.52 29.19
N MET A 485 22.23 1.60 27.99
CA MET A 485 22.24 0.47 27.06
C MET A 485 23.39 0.62 26.08
N ALA A 486 23.98 -0.52 25.68
CA ALA A 486 25.07 -0.50 24.72
C ALA A 486 24.59 0.38 23.57
N LEU A 487 23.34 0.17 23.18
CA LEU A 487 22.71 0.99 22.15
C LEU A 487 21.20 0.87 22.29
N PRO A 488 20.47 1.94 21.96
CA PRO A 488 19.01 1.87 22.09
C PRO A 488 18.46 0.79 21.15
N PRO A 489 17.37 0.13 21.54
CA PRO A 489 16.77 -0.92 20.71
C PRO A 489 16.27 -0.45 19.34
N CYS A 490 16.45 -1.28 18.33
CA CYS A 490 16.01 -0.94 16.99
C CYS A 490 14.55 -1.35 16.86
N HIS A 491 14.20 -2.44 17.55
CA HIS A 491 12.83 -2.97 17.55
C HIS A 491 12.15 -2.41 18.77
N ILE A 492 11.41 -1.33 18.57
CA ILE A 492 10.73 -0.63 19.63
C ILE A 492 9.68 -1.43 20.37
N LEU A 493 8.73 -2.00 19.63
CA LEU A 493 7.69 -2.78 20.29
C LEU A 493 7.00 -3.81 19.42
N CYS A 494 6.13 -4.56 20.07
CA CYS A 494 5.32 -5.60 19.45
C CYS A 494 3.91 -5.46 19.97
N GLN A 495 2.94 -5.27 19.08
CA GLN A 495 1.57 -5.25 19.55
C GLN A 495 0.90 -6.51 19.01
N PHE A 496 0.07 -7.14 19.83
CA PHE A 496 -0.59 -8.37 19.42
C PHE A 496 -2.07 -8.21 19.17
N TYR A 497 -2.59 -9.05 18.30
CA TYR A 497 -3.99 -9.03 17.92
C TYR A 497 -4.50 -10.47 17.89
N VAL A 498 -5.69 -10.68 18.44
CA VAL A 498 -6.25 -12.03 18.48
C VAL A 498 -7.66 -12.07 17.94
N PHE A 499 -7.88 -12.95 16.96
CA PHE A 499 -9.19 -13.14 16.40
C PHE A 499 -9.38 -14.56 15.92
N ASP A 500 -10.57 -15.11 16.18
CA ASP A 500 -10.91 -16.46 15.77
C ASP A 500 -9.80 -17.48 16.04
N GLY A 501 -9.19 -17.37 17.22
CA GLY A 501 -8.13 -18.28 17.60
C GLY A 501 -6.83 -18.10 16.83
N LYS A 502 -6.65 -16.93 16.24
CA LYS A 502 -5.43 -16.66 15.48
C LYS A 502 -4.69 -15.43 16.01
N LEU A 503 -3.36 -15.53 16.07
CA LEU A 503 -2.52 -14.46 16.58
C LEU A 503 -1.74 -13.74 15.50
N SER A 504 -1.89 -12.41 15.45
CA SER A 504 -1.17 -11.57 14.49
C SER A 504 -0.29 -10.67 15.32
N CYS A 505 0.80 -10.18 14.74
CA CYS A 505 1.71 -9.33 15.47
C CYS A 505 2.36 -8.22 14.66
N ILE A 506 2.35 -7.02 15.22
CA ILE A 506 2.98 -5.88 14.58
C ILE A 506 4.23 -5.55 15.37
N MET A 507 5.30 -5.23 14.65
CA MET A 507 6.56 -4.86 15.29
C MET A 507 7.01 -3.58 14.59
N TYR A 508 7.21 -2.54 15.38
CA TYR A 508 7.67 -1.26 14.85
C TYR A 508 9.20 -1.16 14.99
N GLN A 509 9.89 -0.93 13.88
CA GLN A 509 11.34 -0.79 13.93
C GLN A 509 11.71 0.66 13.65
N ARG A 510 12.34 1.31 14.62
CA ARG A 510 12.70 2.72 14.48
C ARG A 510 13.81 2.90 13.47
N SER A 511 14.70 1.93 13.40
CA SER A 511 15.83 1.98 12.49
C SER A 511 16.00 0.63 11.79
N CYS A 512 16.07 0.66 10.46
CA CYS A 512 16.18 -0.58 9.70
C CYS A 512 17.26 -0.63 8.64
N ASP A 513 18.19 -1.57 8.83
CA ASP A 513 19.28 -1.77 7.90
C ASP A 513 18.78 -2.82 6.90
N LEU A 514 18.22 -2.34 5.79
CA LEU A 514 17.67 -3.22 4.76
C LEU A 514 18.62 -4.29 4.25
N GLY A 515 19.89 -3.93 4.08
CA GLY A 515 20.87 -4.87 3.58
C GLY A 515 21.20 -6.08 4.44
N LEU A 516 21.43 -5.89 5.73
CA LEU A 516 21.78 -7.01 6.59
C LEU A 516 20.78 -7.30 7.70
N GLY A 517 20.35 -6.25 8.40
CA GLY A 517 19.43 -6.42 9.51
C GLY A 517 18.04 -6.97 9.25
N VAL A 518 17.23 -6.17 8.56
CA VAL A 518 15.84 -6.52 8.23
C VAL A 518 15.56 -7.99 7.88
N PRO A 519 16.38 -8.59 7.00
CA PRO A 519 16.11 -10.00 6.65
C PRO A 519 16.04 -10.86 7.90
N PHE A 520 16.94 -10.59 8.85
CA PHE A 520 16.97 -11.33 10.10
C PHE A 520 15.85 -10.91 11.03
N ASN A 521 15.50 -9.63 10.99
CA ASN A 521 14.43 -9.09 11.82
C ASN A 521 13.10 -9.74 11.45
N ILE A 522 12.84 -9.82 10.15
CA ILE A 522 11.63 -10.44 9.67
C ILE A 522 11.54 -11.86 10.22
N ALA A 523 12.65 -12.58 10.19
CA ALA A 523 12.68 -13.95 10.67
C ALA A 523 12.48 -14.03 12.18
N SER A 524 13.23 -13.21 12.92
CA SER A 524 13.14 -13.19 14.37
C SER A 524 11.70 -13.06 14.85
N TYR A 525 11.05 -11.97 14.50
CA TYR A 525 9.68 -11.77 14.96
C TYR A 525 8.62 -12.71 14.40
N SER A 526 8.93 -13.41 13.31
CA SER A 526 8.00 -14.38 12.77
C SER A 526 8.06 -15.58 13.71
N ILE A 527 9.28 -15.96 14.09
CA ILE A 527 9.47 -17.10 15.00
C ILE A 527 8.85 -16.79 16.34
N PHE A 528 9.03 -15.55 16.80
CA PHE A 528 8.48 -15.12 18.07
C PHE A 528 6.96 -15.20 18.02
N THR A 529 6.37 -14.84 16.88
CA THR A 529 4.91 -14.91 16.77
C THR A 529 4.49 -16.38 16.91
N HIS A 530 5.18 -17.28 16.22
CA HIS A 530 4.86 -18.70 16.30
C HIS A 530 4.94 -19.15 17.75
N MET A 531 6.02 -18.73 18.43
CA MET A 531 6.23 -19.08 19.82
C MET A 531 5.10 -18.59 20.72
N ILE A 532 4.83 -17.28 20.71
CA ILE A 532 3.77 -16.77 21.56
C ILE A 532 2.44 -17.46 21.23
N ALA A 533 2.17 -17.63 19.94
CA ALA A 533 0.93 -18.26 19.53
C ALA A 533 0.78 -19.65 20.13
N GLN A 534 1.83 -20.46 20.02
CA GLN A 534 1.75 -21.83 20.53
C GLN A 534 1.48 -21.95 22.01
N VAL A 535 2.28 -21.28 22.82
CA VAL A 535 2.13 -21.33 24.28
C VAL A 535 0.83 -20.70 24.73
N CYS A 536 0.11 -20.11 23.77
CA CYS A 536 -1.17 -19.47 24.04
C CYS A 536 -2.30 -20.25 23.37
N ASN A 537 -1.96 -21.40 22.79
CA ASN A 537 -2.94 -22.25 22.11
C ASN A 537 -3.66 -21.53 20.97
N LEU A 538 -2.89 -20.90 20.10
CA LEU A 538 -3.45 -20.17 18.96
C LEU A 538 -2.63 -20.50 17.72
N GLN A 539 -3.16 -20.12 16.56
CA GLN A 539 -2.45 -20.36 15.30
C GLN A 539 -1.86 -19.04 14.83
N PRO A 540 -0.61 -19.05 14.37
CA PRO A 540 -0.07 -17.77 13.92
C PRO A 540 -0.77 -17.29 12.66
N ALA A 541 -1.01 -15.98 12.59
CA ALA A 541 -1.66 -15.37 11.43
C ALA A 541 -0.65 -14.49 10.72
N GLN A 542 -0.87 -13.17 10.78
CA GLN A 542 0.02 -12.21 10.11
C GLN A 542 1.13 -11.59 10.98
N PHE A 543 2.30 -11.39 10.37
CA PHE A 543 3.38 -10.71 11.06
C PHE A 543 3.52 -9.42 10.27
N ILE A 544 3.12 -8.29 10.85
CA ILE A 544 3.21 -7.02 10.16
C ILE A 544 4.45 -6.27 10.63
N HIS A 545 5.32 -5.95 9.69
CA HIS A 545 6.57 -5.28 10.00
C HIS A 545 6.51 -3.82 9.57
N VAL A 546 6.63 -2.90 10.52
CA VAL A 546 6.60 -1.47 10.20
C VAL A 546 7.99 -0.85 10.32
N LEU A 547 8.46 -0.27 9.22
CA LEU A 547 9.78 0.34 9.21
C LEU A 547 9.70 1.86 9.35
N GLY A 548 10.54 2.39 10.22
CA GLY A 548 10.57 3.83 10.42
C GLY A 548 11.60 4.39 9.46
N ASN A 549 12.84 4.52 9.92
CA ASN A 549 13.93 5.01 9.10
C ASN A 549 14.50 3.79 8.38
N ALA A 550 14.13 3.65 7.12
CA ALA A 550 14.59 2.51 6.31
C ALA A 550 15.76 2.99 5.47
N HIS A 551 16.91 2.36 5.65
CA HIS A 551 18.09 2.76 4.91
C HIS A 551 18.91 1.63 4.34
N VAL A 552 19.55 1.93 3.21
CA VAL A 552 20.43 0.99 2.55
C VAL A 552 21.81 1.63 2.61
N TYR A 553 22.78 0.90 3.18
CA TYR A 553 24.15 1.40 3.28
C TYR A 553 24.81 1.37 1.91
N ASN A 554 25.52 2.44 1.56
CA ASN A 554 26.19 2.53 0.26
C ASN A 554 27.09 1.34 -0.09
N ASN A 555 27.84 0.86 0.88
CA ASN A 555 28.72 -0.28 0.63
C ASN A 555 27.94 -1.58 0.46
N HIS A 556 26.62 -1.47 0.29
CA HIS A 556 25.74 -2.63 0.11
C HIS A 556 25.03 -2.57 -1.22
N ILE A 557 25.03 -1.39 -1.82
CA ILE A 557 24.36 -1.18 -3.09
C ILE A 557 24.67 -2.18 -4.19
N ASP A 558 25.90 -2.67 -4.26
CA ASP A 558 26.22 -3.61 -5.31
C ASP A 558 25.65 -5.00 -5.08
N SER A 559 25.73 -5.51 -3.86
CA SER A 559 25.19 -6.82 -3.58
C SER A 559 23.67 -6.86 -3.80
N LEU A 560 22.99 -5.81 -3.34
CA LEU A 560 21.55 -5.73 -3.48
C LEU A 560 21.10 -5.65 -4.94
N LYS A 561 21.92 -5.02 -5.78
CA LYS A 561 21.58 -4.94 -7.20
C LYS A 561 21.56 -6.37 -7.72
N ILE A 562 22.52 -7.16 -7.25
CA ILE A 562 22.58 -8.56 -7.66
C ILE A 562 21.38 -9.33 -7.10
N GLN A 563 20.99 -9.00 -5.87
CA GLN A 563 19.87 -9.68 -5.23
C GLN A 563 18.53 -9.43 -5.92
N LEU A 564 18.25 -8.18 -6.24
CA LEU A 564 16.99 -7.85 -6.90
C LEU A 564 16.82 -8.50 -8.26
N ASN A 565 17.87 -9.12 -8.78
CA ASN A 565 17.78 -9.78 -10.08
C ASN A 565 17.67 -11.30 -9.95
N ARG A 566 17.52 -11.74 -8.71
CA ARG A 566 17.34 -13.15 -8.44
C ARG A 566 15.84 -13.35 -8.21
N ILE A 567 15.29 -14.42 -8.77
CA ILE A 567 13.86 -14.71 -8.60
C ILE A 567 13.73 -15.58 -7.34
N PRO A 568 12.78 -15.23 -6.46
CA PRO A 568 12.54 -15.98 -5.22
C PRO A 568 12.03 -17.40 -5.41
N TYR A 569 12.31 -18.26 -4.42
CA TYR A 569 11.82 -19.63 -4.43
C TYR A 569 10.66 -19.71 -3.43
N PRO A 570 9.79 -20.73 -3.56
CA PRO A 570 8.70 -20.79 -2.59
C PRO A 570 9.26 -20.92 -1.18
N PHE A 571 8.79 -20.06 -0.29
CA PHE A 571 9.25 -20.06 1.09
C PHE A 571 9.22 -21.42 1.76
N PRO A 572 10.00 -21.59 2.82
CA PRO A 572 10.07 -22.84 3.58
C PRO A 572 9.05 -22.78 4.70
N THR A 573 9.08 -23.75 5.62
CA THR A 573 8.15 -23.73 6.74
C THR A 573 8.88 -23.80 8.08
N LEU A 574 8.14 -23.54 9.16
CA LEU A 574 8.71 -23.59 10.50
C LEU A 574 7.93 -24.56 11.40
N LYS A 575 8.64 -25.49 12.02
CA LYS A 575 8.00 -26.43 12.92
C LYS A 575 8.57 -26.33 14.32
N LEU A 576 7.70 -26.06 15.28
CA LEU A 576 8.09 -25.96 16.66
C LEU A 576 7.68 -27.25 17.33
N ASN A 577 8.44 -27.64 18.35
CA ASN A 577 8.14 -28.83 19.13
C ASN A 577 6.75 -28.51 19.68
N PRO A 578 5.75 -29.37 19.42
CA PRO A 578 4.40 -29.10 19.94
C PRO A 578 4.21 -29.28 21.44
N ASP A 579 5.16 -29.95 22.09
CA ASP A 579 5.05 -30.17 23.53
C ASP A 579 5.33 -28.91 24.34
N ILE A 580 6.18 -28.02 23.82
CA ILE A 580 6.51 -26.80 24.56
C ILE A 580 5.28 -25.94 24.77
N LYS A 581 4.80 -25.88 26.02
CA LYS A 581 3.61 -25.09 26.36
C LYS A 581 3.91 -23.78 27.07
N ASN A 582 5.18 -23.48 27.32
CA ASN A 582 5.55 -22.24 27.98
C ASN A 582 6.67 -21.51 27.29
N ILE A 583 6.44 -20.23 27.02
CA ILE A 583 7.41 -19.38 26.32
C ILE A 583 8.83 -19.55 26.83
N GLU A 584 8.96 -19.97 28.08
CA GLU A 584 10.26 -20.13 28.72
C GLU A 584 10.96 -21.47 28.49
N ASP A 585 10.18 -22.52 28.21
CA ASP A 585 10.77 -23.84 28.03
C ASP A 585 11.30 -24.18 26.62
N PHE A 586 11.41 -23.19 25.75
CA PHE A 586 11.89 -23.46 24.40
C PHE A 586 13.40 -23.58 24.38
N THR A 587 13.90 -24.51 23.57
CA THR A 587 15.34 -24.71 23.44
C THR A 587 15.67 -24.78 21.95
N ILE A 588 16.92 -24.51 21.62
CA ILE A 588 17.35 -24.50 20.23
C ILE A 588 16.90 -25.69 19.38
N SER A 589 16.74 -26.86 20.00
CA SER A 589 16.34 -28.05 19.25
C SER A 589 14.84 -28.18 19.05
N ASP A 590 14.06 -27.24 19.59
CA ASP A 590 12.62 -27.30 19.40
C ASP A 590 12.23 -26.58 18.10
N PHE A 591 13.21 -26.02 17.40
CA PHE A 591 12.95 -25.28 16.16
C PHE A 591 13.48 -26.01 14.94
N THR A 592 12.66 -26.08 13.89
CA THR A 592 13.06 -26.75 12.66
C THR A 592 12.52 -26.06 11.41
N ILE A 593 13.43 -25.66 10.52
CA ILE A 593 13.03 -25.03 9.27
C ILE A 593 13.03 -26.12 8.19
N GLN A 594 11.91 -26.27 7.48
CA GLN A 594 11.83 -27.30 6.47
C GLN A 594 11.72 -26.78 5.04
N ASN A 595 12.29 -27.54 4.12
CA ASN A 595 12.25 -27.20 2.71
C ASN A 595 12.73 -25.80 2.41
N TYR A 596 13.92 -25.47 2.87
CA TYR A 596 14.44 -24.14 2.60
C TYR A 596 15.27 -24.14 1.32
N VAL A 597 14.63 -23.74 0.22
CA VAL A 597 15.29 -23.66 -1.08
C VAL A 597 15.74 -22.21 -1.23
N HIS A 598 17.04 -21.99 -1.41
CA HIS A 598 17.56 -20.63 -1.50
C HIS A 598 18.66 -20.41 -2.54
N HIS A 599 18.94 -19.14 -2.79
CA HIS A 599 19.99 -18.76 -3.73
C HIS A 599 21.30 -18.82 -2.98
N GLU A 600 22.38 -18.51 -3.69
CA GLU A 600 23.71 -18.53 -3.13
C GLU A 600 23.92 -17.44 -2.09
N LYS A 601 24.71 -17.73 -1.08
CA LYS A 601 24.99 -16.76 -0.04
C LYS A 601 25.61 -15.51 -0.67
N ILE A 602 25.36 -14.35 -0.07
CA ILE A 602 25.92 -13.11 -0.57
C ILE A 602 26.58 -12.33 0.54
N SER A 603 27.76 -11.79 0.26
CA SER A 603 28.47 -10.98 1.24
C SER A 603 28.07 -9.54 0.91
N MET A 604 27.27 -8.95 1.79
CA MET A 604 26.79 -7.60 1.58
C MET A 604 27.92 -6.58 1.51
N ASP A 605 28.87 -6.71 2.44
CA ASP A 605 29.99 -5.79 2.53
C ASP A 605 31.09 -6.01 1.48
N MET A 606 30.73 -5.93 0.20
CA MET A 606 31.69 -6.11 -0.90
C MET A 606 31.00 -6.46 -2.22
N MET B 2 -31.76 8.40 -31.87
CA MET B 2 -30.83 7.52 -31.13
C MET B 2 -29.64 8.29 -30.59
N GLU B 3 -28.62 8.44 -31.44
CA GLU B 3 -27.37 9.13 -31.10
C GLU B 3 -27.47 10.56 -30.58
N GLN B 4 -26.61 10.89 -29.62
CA GLN B 4 -26.56 12.22 -29.04
C GLN B 4 -25.26 12.94 -29.43
N VAL B 5 -25.43 14.13 -29.97
CA VAL B 5 -24.33 14.96 -30.44
C VAL B 5 -23.06 14.92 -29.58
N CYS B 6 -23.20 15.18 -28.29
CA CYS B 6 -22.03 15.20 -27.39
C CYS B 6 -21.26 13.88 -27.32
N ASP B 7 -21.92 12.78 -27.68
CA ASP B 7 -21.26 11.46 -27.64
C ASP B 7 -20.41 11.25 -28.89
N VAL B 8 -20.88 11.80 -30.02
CA VAL B 8 -20.19 11.65 -31.29
C VAL B 8 -19.01 12.60 -31.48
N PHE B 9 -19.22 13.88 -31.15
CA PHE B 9 -18.20 14.89 -31.31
C PHE B 9 -17.29 15.13 -30.11
N ASP B 10 -17.54 14.40 -29.01
CA ASP B 10 -16.73 14.55 -27.81
C ASP B 10 -16.59 16.01 -27.37
N ILE B 11 -17.71 16.66 -27.03
CA ILE B 11 -17.64 18.04 -26.59
C ILE B 11 -17.56 18.06 -25.07
N TYR B 12 -16.41 18.48 -24.55
CA TYR B 12 -16.16 18.55 -23.12
C TYR B 12 -16.00 20.00 -22.68
N ALA B 13 -16.06 20.23 -21.37
CA ALA B 13 -15.89 21.55 -20.80
C ALA B 13 -14.79 21.54 -19.74
N ILE B 14 -13.87 22.49 -19.81
CA ILE B 14 -12.79 22.57 -18.83
C ILE B 14 -12.79 23.97 -18.20
N CYS B 15 -12.72 24.03 -16.88
CA CYS B 15 -12.74 25.30 -16.18
C CYS B 15 -12.07 25.26 -14.81
N ALA B 16 -12.02 26.43 -14.18
CA ALA B 16 -11.43 26.60 -12.86
C ALA B 16 -12.25 27.66 -12.13
N CYS B 17 -12.84 27.29 -10.99
CA CYS B 17 -13.65 28.23 -10.23
C CYS B 17 -13.20 28.33 -8.78
N CYS B 18 -13.27 29.55 -8.24
CA CYS B 18 -12.89 29.81 -6.86
C CYS B 18 -14.13 30.14 -6.03
N LYS B 19 -13.93 30.55 -4.79
CA LYS B 19 -15.02 30.91 -3.91
C LYS B 19 -15.21 32.42 -4.03
N VAL B 20 -16.45 32.87 -3.86
CA VAL B 20 -16.75 34.30 -3.96
C VAL B 20 -17.21 34.89 -2.63
N GLU B 21 -16.73 36.09 -2.34
CA GLU B 21 -17.09 36.77 -1.09
C GLU B 21 -18.57 36.71 -0.78
N SER B 22 -18.89 36.50 0.49
CA SER B 22 -20.28 36.43 0.94
C SER B 22 -20.89 37.82 0.89
N LYS B 23 -20.04 38.80 0.55
CA LYS B 23 -20.42 40.21 0.44
C LYS B 23 -21.03 40.75 1.74
N ASN B 24 -20.42 40.36 2.85
CA ASN B 24 -20.81 40.77 4.19
C ASN B 24 -22.29 40.58 4.51
N GLU B 25 -23.04 39.99 3.58
CA GLU B 25 -24.47 39.78 3.79
C GLU B 25 -24.84 38.33 4.14
N GLY B 26 -25.47 38.17 5.30
CA GLY B 26 -25.87 36.85 5.78
C GLY B 26 -24.81 36.31 6.71
N LYS B 27 -24.88 36.70 7.98
CA LYS B 27 -23.90 36.23 8.96
C LYS B 27 -24.41 35.20 9.96
N LYS B 28 -24.37 33.95 9.53
CA LYS B 28 -24.78 32.79 10.31
C LYS B 28 -23.69 31.72 10.14
N ASN B 29 -23.95 30.50 10.59
CA ASN B 29 -22.96 29.43 10.45
C ASN B 29 -23.03 28.95 9.01
N GLU B 30 -22.02 29.27 8.20
CA GLU B 30 -22.03 28.89 6.79
C GLU B 30 -22.15 27.42 6.41
N VAL B 31 -22.91 27.17 5.36
CA VAL B 31 -23.12 25.83 4.83
C VAL B 31 -22.45 25.77 3.47
N PHE B 32 -21.94 24.60 3.11
CA PHE B 32 -21.25 24.41 1.84
C PHE B 32 -21.94 23.37 0.95
N ASN B 33 -21.57 23.38 -0.32
CA ASN B 33 -22.10 22.44 -1.31
C ASN B 33 -21.24 22.64 -2.55
N ASN B 34 -21.39 21.77 -3.55
CA ASN B 34 -20.59 21.89 -4.76
C ASN B 34 -20.67 23.27 -5.41
N TYR B 35 -21.80 23.94 -5.25
CA TYR B 35 -21.98 25.27 -5.82
C TYR B 35 -21.05 26.30 -5.18
N THR B 36 -20.44 25.95 -4.05
CA THR B 36 -19.52 26.87 -3.35
C THR B 36 -18.44 27.38 -4.28
N PHE B 37 -18.02 26.54 -5.22
CA PHE B 37 -16.99 26.91 -6.16
C PHE B 37 -17.68 27.35 -7.46
N ARG B 38 -17.68 28.64 -7.73
CA ARG B 38 -18.33 29.16 -8.93
C ARG B 38 -17.67 30.39 -9.55
N GLY B 39 -16.84 31.09 -8.79
CA GLY B 39 -16.19 32.28 -9.33
C GLY B 39 -15.36 32.03 -10.60
N LEU B 40 -15.79 32.62 -11.72
CA LEU B 40 -15.08 32.47 -13.00
C LEU B 40 -14.12 33.60 -13.34
N GLY B 41 -14.64 34.83 -13.36
CA GLY B 41 -13.77 35.95 -13.69
C GLY B 41 -14.18 37.26 -13.06
N ASN B 42 -13.30 38.26 -13.17
CA ASN B 42 -13.57 39.58 -12.63
C ASN B 42 -12.81 40.63 -13.44
N LYS B 43 -13.55 41.61 -13.95
CA LYS B 43 -12.98 42.68 -14.75
C LYS B 43 -12.24 42.15 -15.97
N GLY B 44 -12.91 41.30 -16.75
CA GLY B 44 -12.32 40.74 -17.95
C GLY B 44 -11.12 39.85 -17.72
N VAL B 45 -10.68 39.74 -16.47
CA VAL B 45 -9.54 38.90 -16.15
C VAL B 45 -9.92 37.80 -15.17
N LEU B 46 -8.94 36.99 -14.78
CA LEU B 46 -9.15 35.90 -13.84
C LEU B 46 -9.26 36.47 -12.42
N PRO B 47 -10.10 35.86 -11.58
CA PRO B 47 -10.29 36.33 -10.20
C PRO B 47 -9.00 36.29 -9.39
N TRP B 48 -8.01 35.54 -9.86
CA TRP B 48 -6.75 35.40 -9.14
C TRP B 48 -5.53 35.85 -9.93
N LYS B 49 -4.46 36.13 -9.20
CA LYS B 49 -3.22 36.58 -9.82
C LYS B 49 -2.66 35.52 -10.77
N CYS B 50 -2.27 34.37 -10.22
CA CYS B 50 -1.72 33.28 -11.02
C CYS B 50 -1.72 31.99 -10.22
N ILE B 51 -2.12 30.90 -10.89
CA ILE B 51 -2.15 29.58 -10.28
C ILE B 51 -1.57 28.61 -11.31
N SER B 52 -0.25 28.70 -11.48
CA SER B 52 0.49 27.89 -12.45
C SER B 52 0.08 26.43 -12.57
N LEU B 53 -0.27 25.78 -11.46
CA LEU B 53 -0.64 24.38 -11.53
C LEU B 53 -1.89 24.16 -12.37
N ASP B 54 -2.90 25.00 -12.19
CA ASP B 54 -4.12 24.87 -12.97
C ASP B 54 -3.79 25.15 -14.43
N MET B 55 -2.89 26.10 -14.65
CA MET B 55 -2.43 26.46 -15.99
C MET B 55 -1.82 25.24 -16.64
N LYS B 56 -0.98 24.53 -15.88
CA LYS B 56 -0.32 23.33 -16.36
C LYS B 56 -1.33 22.24 -16.66
N TYR B 57 -2.37 22.16 -15.84
CA TYR B 57 -3.43 21.16 -16.00
C TYR B 57 -4.23 21.51 -17.24
N PHE B 58 -4.60 22.78 -17.33
CA PHE B 58 -5.37 23.29 -18.46
C PHE B 58 -4.73 22.88 -19.79
N ARG B 59 -3.48 23.33 -20.00
CA ARG B 59 -2.74 23.01 -21.21
C ARG B 59 -2.63 21.51 -21.46
N ALA B 60 -2.13 20.77 -20.48
CA ALA B 60 -1.97 19.32 -20.61
C ALA B 60 -3.26 18.63 -21.09
N VAL B 61 -4.38 18.93 -20.44
CA VAL B 61 -5.66 18.32 -20.80
C VAL B 61 -6.12 18.66 -22.22
N THR B 62 -6.17 19.94 -22.55
CA THR B 62 -6.62 20.38 -23.87
C THR B 62 -5.71 19.98 -25.04
N THR B 63 -4.42 19.80 -24.79
CA THR B 63 -3.51 19.42 -25.86
C THR B 63 -3.32 17.90 -26.00
N TYR B 64 -3.71 17.14 -24.98
CA TYR B 64 -3.53 15.69 -25.05
C TYR B 64 -4.30 15.05 -26.19
N VAL B 65 -3.66 14.08 -26.84
CA VAL B 65 -4.29 13.36 -27.94
C VAL B 65 -3.73 11.94 -28.01
N ASN B 66 -4.61 10.98 -28.26
CA ASN B 66 -4.21 9.59 -28.38
C ASN B 66 -4.58 9.19 -29.80
N GLU B 67 -3.65 9.35 -30.72
CA GLU B 67 -3.89 9.05 -32.13
C GLU B 67 -4.31 7.60 -32.40
N SER B 68 -3.80 6.68 -31.61
CA SER B 68 -4.13 5.26 -31.77
C SER B 68 -5.60 4.99 -31.48
N LYS B 69 -6.33 6.03 -31.08
CA LYS B 69 -7.74 5.89 -30.77
C LYS B 69 -8.59 6.82 -31.61
N TYR B 70 -7.96 7.54 -32.53
CA TYR B 70 -8.68 8.46 -33.40
C TYR B 70 -9.50 7.74 -34.45
N GLU B 71 -9.01 6.60 -34.91
CA GLU B 71 -9.72 5.84 -35.93
C GLU B 71 -11.14 5.52 -35.46
N LYS B 72 -11.27 4.94 -34.27
CA LYS B 72 -12.57 4.60 -33.74
C LYS B 72 -13.50 5.82 -33.74
N LEU B 73 -12.94 6.98 -33.46
CA LEU B 73 -13.72 8.22 -33.44
C LEU B 73 -14.15 8.59 -34.86
N LYS B 74 -13.22 8.49 -35.80
CA LYS B 74 -13.48 8.79 -37.21
C LYS B 74 -14.63 7.91 -37.69
N TYR B 75 -14.54 6.63 -37.36
CA TYR B 75 -15.55 5.62 -37.70
C TYR B 75 -16.92 6.09 -37.24
N LYS B 76 -17.00 6.44 -35.97
CA LYS B 76 -18.24 6.90 -35.34
C LYS B 76 -18.78 8.20 -35.95
N ARG B 77 -17.89 9.14 -36.28
CA ARG B 77 -18.30 10.43 -36.82
C ARG B 77 -18.90 10.45 -38.22
N CYS B 78 -18.18 9.92 -39.22
CA CYS B 78 -18.74 9.91 -40.58
C CYS B 78 -19.94 8.98 -40.66
N LYS B 79 -19.88 7.88 -39.91
CA LYS B 79 -20.95 6.88 -39.86
C LYS B 79 -22.20 7.55 -39.28
N TYR B 80 -22.05 8.83 -38.92
CA TYR B 80 -23.12 9.64 -38.36
C TYR B 80 -23.41 10.78 -39.34
N LEU B 81 -22.36 11.34 -39.92
CA LEU B 81 -22.46 12.43 -40.87
C LEU B 81 -23.24 12.03 -42.13
N PRO B 93 -2.27 14.14 -45.06
CA PRO B 93 -2.98 15.22 -45.79
C PRO B 93 -4.00 16.09 -45.05
N ASN B 94 -3.39 17.18 -44.58
CA ASN B 94 -3.88 18.33 -43.83
C ASN B 94 -3.62 18.40 -42.32
N SER B 95 -2.84 17.47 -41.80
CA SER B 95 -2.54 17.50 -40.38
C SER B 95 -1.72 16.31 -39.96
N LYS B 96 -0.40 16.45 -40.08
CA LYS B 96 0.49 15.38 -39.69
C LYS B 96 0.32 15.20 -38.18
N LYS B 97 -0.33 16.18 -37.57
CA LYS B 97 -0.58 16.15 -36.13
C LYS B 97 -2.05 16.28 -35.78
N LEU B 98 -2.62 15.22 -35.23
CA LEU B 98 -4.01 15.23 -34.81
C LEU B 98 -4.06 16.15 -33.60
N GLN B 99 -5.11 16.94 -33.47
CA GLN B 99 -5.22 17.86 -32.35
C GLN B 99 -6.64 17.98 -31.81
N ASN B 100 -6.82 18.85 -30.83
CA ASN B 100 -8.12 19.06 -30.24
C ASN B 100 -8.67 20.43 -30.61
N VAL B 101 -9.99 20.55 -30.58
CA VAL B 101 -10.67 21.79 -30.88
C VAL B 101 -11.05 22.48 -29.58
N VAL B 102 -10.65 23.74 -29.45
CA VAL B 102 -10.95 24.50 -28.23
C VAL B 102 -11.85 25.70 -28.53
N VAL B 103 -13.12 25.58 -28.16
CA VAL B 103 -14.11 26.64 -28.38
C VAL B 103 -14.14 27.65 -27.23
N MET B 104 -13.88 28.92 -27.54
CA MET B 104 -13.87 29.95 -26.50
C MET B 104 -14.63 31.21 -26.91
N GLY B 105 -15.31 31.82 -25.95
CA GLY B 105 -16.06 33.03 -26.22
C GLY B 105 -15.14 34.16 -26.64
N ARG B 106 -15.73 35.22 -27.20
CA ARG B 106 -14.94 36.37 -27.64
C ARG B 106 -14.19 36.99 -26.47
N THR B 107 -14.92 37.36 -25.43
CA THR B 107 -14.32 37.97 -24.25
C THR B 107 -13.12 37.14 -23.82
N ASN B 108 -13.36 35.84 -23.62
CA ASN B 108 -12.30 34.92 -23.20
C ASN B 108 -11.09 34.98 -24.12
N TRP B 109 -11.33 35.07 -25.42
CA TRP B 109 -10.24 35.15 -26.37
C TRP B 109 -9.44 36.42 -26.16
N GLU B 110 -10.14 37.54 -26.07
CA GLU B 110 -9.51 38.83 -25.85
C GLU B 110 -8.68 38.86 -24.56
N SER B 111 -9.21 38.25 -23.50
CA SER B 111 -8.53 38.23 -22.21
C SER B 111 -7.23 37.43 -22.17
N ILE B 112 -6.95 36.69 -23.24
CA ILE B 112 -5.73 35.89 -23.29
C ILE B 112 -4.55 36.69 -23.83
N PRO B 113 -3.38 36.60 -23.17
CA PRO B 113 -2.20 37.34 -23.63
C PRO B 113 -1.91 37.05 -25.11
N LYS B 114 -1.37 38.04 -25.81
CA LYS B 114 -1.05 37.92 -27.22
C LYS B 114 0.09 36.94 -27.49
N LYS B 115 1.07 36.91 -26.60
CA LYS B 115 2.23 36.04 -26.74
C LYS B 115 1.85 34.55 -26.82
N PHE B 116 0.72 34.21 -26.21
CA PHE B 116 0.27 32.84 -26.21
C PHE B 116 -0.77 32.65 -27.28
N LYS B 117 -1.16 33.74 -27.98
CA LYS B 117 -2.35 33.56 -28.84
C LYS B 117 -2.33 32.38 -29.85
N PRO B 118 -3.46 32.09 -30.44
CA PRO B 118 -3.66 30.94 -31.32
C PRO B 118 -2.95 29.85 -30.47
N LEU B 119 -3.70 29.38 -29.43
CA LEU B 119 -3.32 28.36 -28.47
C LEU B 119 -2.58 27.19 -29.12
N SER B 120 -1.27 27.18 -28.98
CA SER B 120 -0.42 26.14 -29.54
C SER B 120 -0.94 24.71 -29.45
N ASN B 121 -0.85 23.99 -30.57
CA ASN B 121 -1.30 22.61 -30.68
C ASN B 121 -2.80 22.39 -30.44
N ARG B 122 -3.58 23.45 -30.62
CA ARG B 122 -5.02 23.37 -30.43
C ARG B 122 -5.78 24.12 -31.53
N ILE B 123 -6.62 23.39 -32.24
CA ILE B 123 -7.42 23.99 -33.30
C ILE B 123 -8.32 25.07 -32.69
N ASN B 124 -7.85 26.31 -32.71
CA ASN B 124 -8.60 27.44 -32.16
C ASN B 124 -9.94 27.70 -32.84
N VAL B 125 -10.91 28.13 -32.05
CA VAL B 125 -12.24 28.44 -32.53
C VAL B 125 -12.79 29.54 -31.64
N ILE B 126 -13.52 30.49 -32.22
CA ILE B 126 -14.06 31.60 -31.44
C ILE B 126 -15.52 31.88 -31.73
N LEU B 127 -16.28 32.18 -30.69
CA LEU B 127 -17.69 32.49 -30.87
C LEU B 127 -17.83 34.00 -30.75
N SER B 128 -18.37 34.60 -31.80
CA SER B 128 -18.56 36.05 -31.83
C SER B 128 -19.54 36.44 -32.94
N ARG B 129 -20.00 37.67 -32.86
CA ARG B 129 -20.94 38.22 -33.84
C ARG B 129 -20.31 39.52 -34.31
N THR B 130 -19.04 39.72 -33.95
CA THR B 130 -18.32 40.93 -34.31
C THR B 130 -17.03 40.61 -35.04
N LEU B 131 -16.41 39.49 -34.69
CA LEU B 131 -15.15 39.12 -35.32
C LEU B 131 -15.37 38.62 -36.74
N LYS B 132 -14.68 39.26 -37.67
CA LYS B 132 -14.78 38.90 -39.08
C LYS B 132 -13.59 38.04 -39.50
N LYS B 133 -13.90 36.82 -39.96
CA LYS B 133 -12.91 35.85 -40.40
C LYS B 133 -11.69 36.46 -41.09
N GLU B 134 -11.92 37.43 -41.97
CA GLU B 134 -10.84 38.08 -42.68
C GLU B 134 -9.69 38.50 -41.77
N ASP B 135 -9.92 39.51 -40.91
CA ASP B 135 -8.88 39.99 -40.00
C ASP B 135 -8.27 38.90 -39.10
N PHE B 136 -8.53 37.65 -39.42
CA PHE B 136 -7.98 36.53 -38.66
C PHE B 136 -7.26 35.50 -39.53
N ASP B 137 -6.41 34.70 -38.90
CA ASP B 137 -5.66 33.67 -39.61
C ASP B 137 -6.62 32.74 -40.32
N GLU B 138 -6.07 31.85 -41.13
CA GLU B 138 -6.90 30.88 -41.83
C GLU B 138 -7.24 29.81 -40.80
N ASP B 139 -6.28 29.56 -39.91
CA ASP B 139 -6.43 28.57 -38.84
C ASP B 139 -7.54 28.96 -37.88
N VAL B 140 -7.33 30.06 -37.16
CA VAL B 140 -8.30 30.55 -36.19
C VAL B 140 -9.69 30.68 -36.80
N TYR B 141 -10.54 29.70 -36.54
CA TYR B 141 -11.90 29.71 -37.06
C TYR B 141 -12.78 30.65 -36.23
N ILE B 142 -13.98 30.94 -36.74
CA ILE B 142 -14.93 31.83 -36.07
C ILE B 142 -16.34 31.41 -36.49
N ILE B 143 -17.31 31.57 -35.61
CA ILE B 143 -18.67 31.21 -35.95
C ILE B 143 -19.70 32.26 -35.54
N ASN B 144 -20.91 32.10 -36.07
CA ASN B 144 -22.03 33.02 -35.81
C ASN B 144 -22.88 32.60 -34.62
N LYS B 145 -22.96 31.30 -34.38
CA LYS B 145 -23.74 30.79 -33.24
C LYS B 145 -23.42 29.35 -32.88
N VAL B 146 -23.89 28.96 -31.70
CA VAL B 146 -23.70 27.62 -31.16
C VAL B 146 -23.77 26.53 -32.23
N GLU B 147 -24.97 26.33 -32.75
CA GLU B 147 -25.23 25.31 -33.76
C GLU B 147 -24.28 25.25 -34.95
N ASP B 148 -23.63 26.38 -35.28
CA ASP B 148 -22.69 26.40 -36.39
C ASP B 148 -21.44 25.56 -36.11
N LEU B 149 -21.07 25.45 -34.84
CA LEU B 149 -19.90 24.68 -34.43
C LEU B 149 -19.92 23.24 -34.93
N ILE B 150 -21.02 22.54 -34.65
CA ILE B 150 -21.16 21.13 -35.06
C ILE B 150 -20.75 20.92 -36.50
N VAL B 151 -21.05 21.90 -37.36
CA VAL B 151 -20.73 21.81 -38.77
C VAL B 151 -19.21 21.82 -38.99
N LEU B 152 -18.51 22.71 -38.31
CA LEU B 152 -17.05 22.80 -38.45
C LEU B 152 -16.35 21.56 -37.91
N LEU B 153 -16.98 20.90 -36.95
CA LEU B 153 -16.41 19.71 -36.34
C LEU B 153 -16.52 18.51 -37.29
N GLY B 154 -17.55 18.53 -38.13
CA GLY B 154 -17.76 17.45 -39.08
C GLY B 154 -16.80 17.56 -40.24
N LYS B 155 -16.33 18.77 -40.51
CA LYS B 155 -15.41 19.02 -41.62
C LYS B 155 -13.97 19.16 -41.11
N LEU B 156 -13.67 18.58 -39.96
CA LEU B 156 -12.33 18.68 -39.39
C LEU B 156 -11.75 17.40 -38.80
N ASN B 157 -10.44 17.41 -38.62
CA ASN B 157 -9.69 16.29 -38.04
C ASN B 157 -9.24 16.68 -36.65
N TYR B 158 -9.99 16.26 -35.65
CA TYR B 158 -9.66 16.57 -34.27
C TYR B 158 -9.91 15.36 -33.37
N TYR B 159 -9.23 15.35 -32.23
CA TYR B 159 -9.37 14.26 -31.26
C TYR B 159 -10.59 14.55 -30.40
N LYS B 160 -10.50 15.60 -29.58
CA LYS B 160 -11.59 15.99 -28.69
C LYS B 160 -11.83 17.50 -28.75
N CYS B 161 -13.05 17.91 -28.43
CA CYS B 161 -13.38 19.33 -28.44
C CYS B 161 -13.62 19.86 -27.03
N PHE B 162 -12.79 20.81 -26.61
CA PHE B 162 -12.89 21.40 -25.28
C PHE B 162 -13.46 22.81 -25.31
N ILE B 163 -14.40 23.06 -24.40
CA ILE B 163 -15.03 24.38 -24.29
C ILE B 163 -14.30 25.20 -23.21
N LEU B 164 -13.32 26.00 -23.60
CA LEU B 164 -12.61 26.84 -22.65
C LEU B 164 -13.60 27.92 -22.23
N GLY B 165 -14.62 28.05 -23.06
CA GLY B 165 -15.70 28.99 -22.88
C GLY B 165 -15.52 30.36 -22.27
N GLY B 166 -16.58 30.73 -21.56
CA GLY B 166 -16.69 31.99 -20.86
C GLY B 166 -18.04 31.78 -20.20
N SER B 167 -18.39 32.59 -19.21
CA SER B 167 -19.67 32.41 -18.52
C SER B 167 -20.84 32.21 -19.47
N VAL B 168 -20.93 33.02 -20.51
CA VAL B 168 -22.02 32.92 -21.48
C VAL B 168 -21.92 31.59 -22.23
N VAL B 169 -20.74 31.32 -22.77
CA VAL B 169 -20.49 30.09 -23.51
C VAL B 169 -20.87 28.86 -22.70
N TYR B 170 -20.36 28.77 -21.47
CA TYR B 170 -20.67 27.63 -20.60
C TYR B 170 -22.18 27.47 -20.45
N GLN B 171 -22.82 28.52 -19.96
CA GLN B 171 -24.26 28.52 -19.74
C GLN B 171 -25.03 27.84 -20.87
N GLU B 172 -24.93 28.41 -22.07
CA GLU B 172 -25.63 27.89 -23.23
C GLU B 172 -25.27 26.44 -23.59
N PHE B 173 -23.98 26.14 -23.66
CA PHE B 173 -23.55 24.79 -24.00
C PHE B 173 -24.12 23.74 -23.06
N LEU B 174 -24.59 24.17 -21.88
CA LEU B 174 -25.17 23.26 -20.90
C LEU B 174 -26.67 23.13 -21.08
N GLU B 175 -27.33 24.27 -21.26
CA GLU B 175 -28.78 24.28 -21.48
C GLU B 175 -29.09 23.42 -22.70
N LYS B 176 -28.17 23.45 -23.66
CA LYS B 176 -28.31 22.69 -24.90
C LYS B 176 -27.74 21.28 -24.82
N LYS B 177 -27.68 20.75 -23.60
CA LYS B 177 -27.16 19.40 -23.34
C LYS B 177 -26.08 18.96 -24.33
N LEU B 178 -25.06 19.80 -24.51
CA LEU B 178 -23.97 19.50 -25.44
C LEU B 178 -22.70 19.00 -24.75
N ILE B 179 -22.62 19.21 -23.43
CA ILE B 179 -21.45 18.80 -22.65
C ILE B 179 -21.52 17.37 -22.17
N LYS B 180 -20.41 16.65 -22.33
CA LYS B 180 -20.30 15.26 -21.94
C LYS B 180 -19.65 15.17 -20.55
N LYS B 181 -18.47 15.75 -20.43
CA LYS B 181 -17.73 15.77 -19.17
C LYS B 181 -17.26 17.19 -18.85
N ILE B 182 -17.11 17.47 -17.56
CA ILE B 182 -16.64 18.78 -17.12
C ILE B 182 -15.41 18.59 -16.26
N TYR B 183 -14.32 19.23 -16.66
CA TYR B 183 -13.06 19.15 -15.93
C TYR B 183 -13.00 20.40 -15.07
N PHE B 184 -13.55 20.27 -13.87
CA PHE B 184 -13.66 21.36 -12.91
C PHE B 184 -12.50 21.45 -11.94
N THR B 185 -11.80 22.59 -11.94
CA THR B 185 -10.70 22.80 -11.01
C THR B 185 -11.27 23.59 -9.84
N ARG B 186 -11.12 23.07 -8.62
CA ARG B 186 -11.63 23.77 -7.45
C ARG B 186 -10.56 24.58 -6.75
N ILE B 187 -10.60 25.90 -6.93
CA ILE B 187 -9.65 26.83 -6.32
C ILE B 187 -10.15 27.09 -4.90
N ASN B 188 -9.39 26.68 -3.88
CA ASN B 188 -9.84 26.86 -2.51
C ASN B 188 -9.38 28.12 -1.81
N SER B 189 -9.91 29.25 -2.27
CA SER B 189 -9.61 30.56 -1.74
C SER B 189 -10.69 31.50 -2.26
N THR B 190 -10.87 32.65 -1.62
CA THR B 190 -11.90 33.59 -2.05
C THR B 190 -11.37 34.80 -2.80
N TYR B 191 -12.13 35.25 -3.79
CA TYR B 191 -11.76 36.42 -4.58
C TYR B 191 -13.02 37.13 -5.04
N GLU B 192 -12.87 38.37 -5.51
CA GLU B 192 -14.01 39.11 -6.00
C GLU B 192 -14.23 38.68 -7.44
N CYS B 193 -15.48 38.45 -7.81
CA CYS B 193 -15.82 38.02 -9.16
C CYS B 193 -17.07 38.73 -9.66
N ASP B 194 -17.23 38.80 -10.98
CA ASP B 194 -18.40 39.43 -11.58
C ASP B 194 -19.15 38.44 -12.48
N VAL B 195 -18.49 37.34 -12.84
CA VAL B 195 -19.09 36.30 -13.67
C VAL B 195 -18.88 34.93 -13.03
N PHE B 196 -19.92 34.11 -13.04
CA PHE B 196 -19.84 32.80 -12.39
C PHE B 196 -20.35 31.63 -13.21
N PHE B 197 -19.62 30.52 -13.15
CA PHE B 197 -19.96 29.29 -13.86
C PHE B 197 -21.35 28.84 -13.38
N PRO B 198 -22.26 28.56 -14.33
CA PRO B 198 -23.62 28.12 -13.98
C PRO B 198 -23.70 26.94 -13.00
N GLU B 199 -24.79 26.90 -12.23
CA GLU B 199 -25.01 25.84 -11.25
C GLU B 199 -25.36 24.51 -11.92
N ILE B 200 -24.49 23.53 -11.72
CA ILE B 200 -24.68 22.22 -12.30
C ILE B 200 -25.86 21.45 -11.71
N ASN B 201 -26.68 20.87 -12.58
CA ASN B 201 -27.83 20.10 -12.15
C ASN B 201 -27.40 18.69 -11.78
N GLU B 202 -27.34 18.40 -10.49
CA GLU B 202 -26.93 17.10 -9.98
C GLU B 202 -27.63 15.90 -10.62
N ASN B 203 -28.81 16.14 -11.18
CA ASN B 203 -29.58 15.07 -11.81
C ASN B 203 -29.05 14.76 -13.21
N GLU B 204 -28.27 15.69 -13.76
CA GLU B 204 -27.71 15.53 -15.09
C GLU B 204 -26.21 15.28 -15.12
N TYR B 205 -25.47 15.95 -14.25
CA TYR B 205 -24.02 15.80 -14.18
C TYR B 205 -23.61 15.40 -12.76
N GLN B 206 -22.73 14.40 -12.66
CA GLN B 206 -22.25 13.95 -11.36
C GLN B 206 -20.74 13.69 -11.38
N ILE B 207 -20.12 13.79 -10.21
CA ILE B 207 -18.68 13.59 -10.08
C ILE B 207 -18.32 12.11 -10.12
N ILE B 208 -17.33 11.77 -10.94
CA ILE B 208 -16.89 10.38 -11.05
C ILE B 208 -15.43 10.24 -10.65
N SER B 209 -14.73 11.36 -10.52
CA SER B 209 -13.32 11.33 -10.13
C SER B 209 -12.94 12.58 -9.35
N VAL B 210 -12.02 12.38 -8.39
CA VAL B 210 -11.51 13.46 -7.54
C VAL B 210 -10.00 13.26 -7.44
N SER B 211 -9.25 14.31 -7.72
CA SER B 211 -7.80 14.21 -7.70
C SER B 211 -7.14 14.45 -6.34
N ASP B 212 -5.83 14.33 -6.34
CA ASP B 212 -5.03 14.56 -5.17
C ASP B 212 -5.17 16.05 -4.91
N VAL B 213 -4.85 16.51 -3.70
CA VAL B 213 -4.96 17.93 -3.38
C VAL B 213 -3.56 18.57 -3.45
N TYR B 214 -3.50 19.79 -3.96
CA TYR B 214 -2.21 20.45 -4.10
C TYR B 214 -2.21 21.87 -3.57
N THR B 215 -1.01 22.44 -3.50
CA THR B 215 -0.83 23.81 -3.08
C THR B 215 -0.02 24.52 -4.15
N SER B 216 -0.64 25.53 -4.76
CA SER B 216 0.01 26.31 -5.80
C SER B 216 -0.23 27.78 -5.53
N ASN B 217 0.82 28.58 -5.70
CA ASN B 217 0.73 30.01 -5.49
C ASN B 217 -0.11 30.42 -4.29
N ASN B 218 0.24 29.86 -3.13
CA ASN B 218 -0.42 30.18 -1.88
C ASN B 218 -1.91 29.84 -1.77
N THR B 219 -2.29 28.67 -2.26
CA THR B 219 -3.68 28.23 -2.15
C THR B 219 -3.74 26.76 -2.50
N THR B 220 -4.71 26.06 -1.92
CA THR B 220 -4.84 24.65 -2.22
C THR B 220 -5.90 24.50 -3.28
N LEU B 221 -5.88 23.37 -3.96
CA LEU B 221 -6.88 23.09 -4.99
C LEU B 221 -6.82 21.63 -5.38
N ASP B 222 -7.85 21.18 -6.09
CA ASP B 222 -7.93 19.82 -6.58
C ASP B 222 -8.71 19.84 -7.90
N PHE B 223 -8.68 18.73 -8.61
CA PHE B 223 -9.34 18.60 -9.90
C PHE B 223 -10.41 17.52 -9.84
N ILE B 224 -11.63 17.86 -10.21
CA ILE B 224 -12.70 16.88 -10.19
C ILE B 224 -13.34 16.73 -11.56
N ILE B 225 -14.00 15.59 -11.78
CA ILE B 225 -14.63 15.33 -13.07
C ILE B 225 -16.12 15.03 -12.98
N TYR B 226 -16.89 15.80 -13.74
CA TYR B 226 -18.34 15.64 -13.81
C TYR B 226 -18.66 14.83 -15.06
N LYS B 227 -19.58 13.87 -14.94
CA LYS B 227 -19.97 13.05 -16.08
C LYS B 227 -21.48 13.12 -16.28
N LYS B 228 -21.90 13.30 -17.53
CA LYS B 228 -23.31 13.36 -17.85
C LYS B 228 -23.95 12.04 -17.47
N THR B 229 -24.93 12.10 -16.56
CA THR B 229 -25.63 10.90 -16.12
C THR B 229 -26.54 10.42 -17.24
N ASN B 230 -26.81 9.12 -17.27
CA ASN B 230 -27.65 8.55 -18.31
C ASN B 230 -29.10 8.36 -17.85
N ASN B 231 -29.68 9.42 -17.28
CA ASN B 231 -31.05 9.36 -16.81
C ASN B 231 -31.89 10.50 -17.41
N ASP B 283 -0.52 -5.29 -23.94
CA ASP B 283 -0.93 -6.32 -24.92
C ASP B 283 -2.09 -7.20 -24.45
N ASP B 284 -2.03 -8.50 -24.74
CA ASP B 284 -3.15 -9.38 -24.39
C ASP B 284 -2.87 -10.67 -23.60
N GLU B 285 -1.64 -11.16 -23.59
CA GLU B 285 -1.37 -12.41 -22.90
C GLU B 285 -1.23 -12.41 -21.40
N GLU B 286 -0.68 -11.33 -20.84
CA GLU B 286 -0.53 -11.26 -19.38
C GLU B 286 -1.87 -10.90 -18.76
N GLU B 287 -2.89 -10.79 -19.62
CA GLU B 287 -4.23 -10.45 -19.18
C GLU B 287 -4.93 -11.68 -18.59
N ASP B 288 -4.82 -12.81 -19.29
CA ASP B 288 -5.41 -14.04 -18.79
C ASP B 288 -4.57 -14.53 -17.62
N ASP B 289 -3.27 -14.28 -17.70
CA ASP B 289 -2.35 -14.65 -16.64
C ASP B 289 -2.79 -14.01 -15.34
N PHE B 290 -3.30 -12.79 -15.44
CA PHE B 290 -3.79 -12.08 -14.26
C PHE B 290 -4.95 -12.87 -13.67
N VAL B 291 -5.91 -13.23 -14.51
CA VAL B 291 -7.07 -13.99 -14.08
C VAL B 291 -6.65 -15.28 -13.38
N TYR B 292 -5.68 -15.97 -13.96
CA TYR B 292 -5.21 -17.23 -13.38
C TYR B 292 -4.69 -17.00 -11.97
N PHE B 293 -3.93 -15.94 -11.78
CA PHE B 293 -3.37 -15.66 -10.47
C PHE B 293 -4.43 -15.40 -9.41
N ASN B 294 -5.68 -15.24 -9.83
CA ASN B 294 -6.77 -14.98 -8.90
C ASN B 294 -7.65 -16.20 -8.67
N PHE B 295 -7.22 -17.34 -9.19
CA PHE B 295 -7.98 -18.57 -9.06
C PHE B 295 -8.48 -18.83 -7.63
N ASN B 296 -7.67 -18.48 -6.64
CA ASN B 296 -8.03 -18.72 -5.24
C ASN B 296 -8.58 -17.48 -4.54
N LYS B 297 -9.20 -16.59 -5.31
CA LYS B 297 -9.71 -15.34 -4.74
C LYS B 297 -10.96 -15.41 -3.88
N GLU B 298 -10.72 -15.49 -2.58
CA GLU B 298 -11.71 -15.54 -1.52
C GLU B 298 -13.02 -16.28 -1.80
N LYS B 299 -13.12 -16.94 -2.95
CA LYS B 299 -14.34 -17.66 -3.32
C LYS B 299 -15.51 -16.96 -2.63
N GLU B 300 -15.79 -15.76 -3.10
CA GLU B 300 -16.83 -14.89 -2.56
C GLU B 300 -18.28 -15.26 -2.86
N GLU B 301 -19.09 -14.24 -3.13
CA GLU B 301 -20.51 -14.37 -3.42
C GLU B 301 -21.28 -14.71 -2.14
N LYS B 302 -20.75 -14.24 -1.02
CA LYS B 302 -21.35 -14.44 0.29
C LYS B 302 -21.07 -13.18 1.09
N ASN B 303 -22.12 -12.43 1.39
CA ASN B 303 -22.00 -11.17 2.14
C ASN B 303 -21.41 -11.34 3.54
N LYS B 304 -20.53 -10.42 3.91
CA LYS B 304 -19.91 -10.45 5.23
C LYS B 304 -20.34 -9.23 6.04
N ASN B 305 -20.49 -9.42 7.34
CA ASN B 305 -20.89 -8.35 8.26
C ASN B 305 -22.24 -7.73 7.87
N SER B 306 -22.97 -8.41 6.99
CA SER B 306 -24.28 -7.96 6.51
C SER B 306 -24.30 -6.49 6.09
N ILE B 307 -23.55 -6.17 5.04
CA ILE B 307 -23.48 -4.81 4.51
C ILE B 307 -24.00 -4.78 3.07
N HIS B 308 -25.20 -4.22 2.90
CA HIS B 308 -25.86 -4.16 1.59
C HIS B 308 -25.07 -3.41 0.51
N PRO B 309 -25.31 -3.78 -0.76
CA PRO B 309 -24.66 -3.19 -1.94
C PRO B 309 -24.81 -1.68 -2.04
N ASN B 310 -26.04 -1.22 -2.28
CA ASN B 310 -26.32 0.19 -2.44
C ASN B 310 -26.05 1.10 -1.26
N ASP B 311 -25.57 0.56 -0.15
CA ASP B 311 -25.28 1.40 0.99
C ASP B 311 -24.11 2.33 0.65
N PHE B 312 -23.36 1.98 -0.38
CA PHE B 312 -22.21 2.75 -0.81
C PHE B 312 -22.28 3.07 -2.29
N GLN B 313 -23.47 3.39 -2.77
CA GLN B 313 -23.67 3.71 -4.16
C GLN B 313 -22.70 4.78 -4.67
N ILE B 314 -22.77 5.96 -4.09
CA ILE B 314 -21.91 7.06 -4.51
C ILE B 314 -20.41 6.77 -4.35
N TYR B 315 -20.03 6.16 -3.24
CA TYR B 315 -18.64 5.83 -2.95
C TYR B 315 -18.06 4.86 -3.99
N ASN B 316 -18.86 3.86 -4.37
CA ASN B 316 -18.41 2.88 -5.34
C ASN B 316 -18.58 3.34 -6.79
N SER B 317 -19.33 4.42 -6.97
CA SER B 317 -19.56 4.96 -8.31
C SER B 317 -18.36 5.75 -8.82
N LEU B 318 -17.50 6.19 -7.91
CA LEU B 318 -16.33 6.96 -8.31
C LEU B 318 -15.28 6.08 -8.94
N LYS B 319 -14.71 6.53 -10.05
CA LYS B 319 -13.69 5.78 -10.76
C LYS B 319 -12.32 6.03 -10.12
N TYR B 320 -11.94 7.30 -9.99
CA TYR B 320 -10.66 7.65 -9.41
C TYR B 320 -10.80 8.47 -8.14
N LYS B 321 -10.38 7.89 -7.02
CA LYS B 321 -10.44 8.58 -5.73
C LYS B 321 -9.02 8.82 -5.23
N TYR B 322 -8.40 9.88 -5.73
CA TYR B 322 -7.03 10.22 -5.35
C TYR B 322 -6.92 11.27 -4.26
N HIS B 323 -8.06 11.73 -3.77
CA HIS B 323 -8.06 12.73 -2.71
C HIS B 323 -7.50 12.04 -1.47
N PRO B 324 -6.62 12.73 -0.72
CA PRO B 324 -6.02 12.17 0.49
C PRO B 324 -7.04 11.65 1.49
N GLU B 325 -8.17 12.34 1.61
CA GLU B 325 -9.19 11.90 2.55
C GLU B 325 -9.59 10.43 2.34
N TYR B 326 -9.52 9.94 1.10
CA TYR B 326 -9.88 8.56 0.86
C TYR B 326 -9.01 7.56 1.60
N GLN B 327 -7.81 7.98 2.00
CA GLN B 327 -6.95 7.08 2.75
C GLN B 327 -7.70 6.69 4.01
N TYR B 328 -8.38 7.66 4.61
CA TYR B 328 -9.18 7.45 5.81
C TYR B 328 -10.48 6.74 5.45
N LEU B 329 -11.20 7.27 4.47
CA LEU B 329 -12.46 6.68 4.04
C LEU B 329 -12.34 5.23 3.58
N ASN B 330 -11.25 4.89 2.90
CA ASN B 330 -11.05 3.51 2.41
C ASN B 330 -10.81 2.53 3.53
N ILE B 331 -10.15 2.99 4.58
CA ILE B 331 -9.85 2.13 5.71
C ILE B 331 -11.15 1.77 6.39
N ILE B 332 -12.05 2.74 6.46
CA ILE B 332 -13.36 2.53 7.05
C ILE B 332 -14.09 1.50 6.17
N TYR B 333 -14.08 1.76 4.86
CA TYR B 333 -14.74 0.85 3.95
C TYR B 333 -14.20 -0.56 4.15
N ASP B 334 -12.89 -0.67 4.23
CA ASP B 334 -12.27 -1.97 4.42
C ASP B 334 -12.72 -2.64 5.70
N ILE B 335 -12.81 -1.88 6.79
CA ILE B 335 -13.23 -2.45 8.05
C ILE B 335 -14.69 -2.89 8.04
N MET B 336 -15.55 -2.12 7.37
CA MET B 336 -16.96 -2.50 7.30
C MET B 336 -17.18 -3.76 6.47
N MET B 337 -16.41 -3.91 5.39
CA MET B 337 -16.53 -5.05 4.50
C MET B 337 -15.79 -6.30 4.97
N ASN B 338 -14.65 -6.11 5.63
CA ASN B 338 -13.85 -7.26 6.05
C ASN B 338 -13.45 -7.27 7.52
N GLY B 339 -13.86 -6.25 8.26
CA GLY B 339 -13.52 -6.21 9.67
C GLY B 339 -13.99 -7.45 10.40
N ASN B 340 -13.38 -7.73 11.55
CA ASN B 340 -13.78 -8.88 12.34
C ASN B 340 -14.72 -8.43 13.46
N LYS B 341 -15.79 -9.19 13.66
CA LYS B 341 -16.75 -8.86 14.72
C LYS B 341 -16.14 -9.20 16.08
N GLN B 342 -16.06 -8.22 16.96
CA GLN B 342 -15.51 -8.45 18.28
C GLN B 342 -16.26 -7.69 19.37
N SER B 343 -16.22 -8.23 20.58
CA SER B 343 -16.84 -7.59 21.72
C SER B 343 -15.77 -6.69 22.29
N ASP B 344 -16.14 -5.72 23.10
CA ASP B 344 -15.11 -4.87 23.68
C ASP B 344 -15.45 -4.41 25.09
N ARG B 345 -14.43 -3.89 25.76
CA ARG B 345 -14.49 -3.40 27.13
C ARG B 345 -15.63 -2.42 27.40
N THR B 346 -16.54 -2.26 26.45
CA THR B 346 -17.67 -1.34 26.59
C THR B 346 -19.01 -2.01 26.31
N GLY B 347 -18.98 -3.22 25.74
CA GLY B 347 -20.19 -3.95 25.45
C GLY B 347 -21.00 -3.42 24.27
N VAL B 348 -20.35 -2.63 23.42
CA VAL B 348 -21.02 -2.07 22.25
C VAL B 348 -20.74 -2.92 21.02
N GLY B 349 -19.54 -3.51 20.98
CA GLY B 349 -19.17 -4.33 19.85
C GLY B 349 -18.53 -3.46 18.78
N VAL B 350 -17.64 -4.06 17.99
CA VAL B 350 -16.97 -3.32 16.94
C VAL B 350 -16.57 -4.25 15.81
N LEU B 351 -16.11 -3.66 14.73
CA LEU B 351 -15.60 -4.42 13.59
C LEU B 351 -14.17 -3.93 13.63
N SER B 352 -13.21 -4.84 13.52
CA SER B 352 -11.82 -4.42 13.59
C SER B 352 -10.89 -5.17 12.65
N LYS B 353 -9.80 -4.49 12.28
CA LYS B 353 -8.75 -5.04 11.43
C LYS B 353 -7.46 -4.66 12.16
N PHE B 354 -6.33 -5.16 11.70
CA PHE B 354 -5.07 -4.87 12.37
C PHE B 354 -3.94 -4.43 11.44
N GLY B 355 -3.48 -3.20 11.62
CA GLY B 355 -2.38 -2.71 10.83
C GLY B 355 -2.71 -1.98 9.54
N TYR B 356 -2.68 -0.66 9.62
CA TYR B 356 -2.93 0.23 8.49
C TYR B 356 -1.96 1.39 8.57
N ILE B 357 -1.75 2.07 7.44
CA ILE B 357 -0.89 3.24 7.45
C ILE B 357 -1.48 4.30 6.51
N MET B 358 -1.40 5.56 6.92
CA MET B 358 -1.91 6.67 6.11
C MET B 358 -0.79 7.70 6.01
N LYS B 359 -0.74 8.42 4.89
CA LYS B 359 0.29 9.44 4.70
C LYS B 359 -0.28 10.75 4.18
N PHE B 360 0.02 11.83 4.87
CA PHE B 360 -0.45 13.15 4.48
C PHE B 360 0.71 14.12 4.20
N ASP B 361 0.72 14.70 3.00
CA ASP B 361 1.76 15.63 2.61
C ASP B 361 1.43 17.00 3.20
N LEU B 362 1.89 17.24 4.43
CA LEU B 362 1.60 18.50 5.11
C LEU B 362 2.03 19.73 4.33
N SER B 363 2.93 19.54 3.35
CA SER B 363 3.42 20.66 2.56
C SER B 363 2.42 21.07 1.49
N GLN B 364 1.41 20.25 1.25
CA GLN B 364 0.41 20.57 0.23
C GLN B 364 -0.97 20.86 0.81
N TYR B 365 -1.19 20.52 2.08
CA TYR B 365 -2.49 20.76 2.72
C TYR B 365 -2.51 20.36 4.18
N PHE B 366 -3.61 20.70 4.86
CA PHE B 366 -3.78 20.32 6.25
C PHE B 366 -4.91 19.31 6.19
N PRO B 367 -4.63 18.07 6.61
CA PRO B 367 -5.61 16.97 6.60
C PRO B 367 -6.79 17.03 7.57
N LEU B 368 -7.49 18.15 7.60
CA LEU B 368 -8.67 18.23 8.46
C LEU B 368 -9.78 17.62 7.63
N LEU B 369 -10.29 16.45 8.02
CA LEU B 369 -11.34 15.79 7.26
C LEU B 369 -12.41 16.77 6.80
N THR B 370 -12.90 16.59 5.57
CA THR B 370 -13.91 17.47 5.01
C THR B 370 -15.28 16.85 4.84
N THR B 371 -15.37 15.53 4.96
CA THR B 371 -16.66 14.86 4.81
C THR B 371 -17.56 14.98 6.05
N LYS B 372 -17.16 15.83 6.99
CA LYS B 372 -17.91 16.10 8.22
C LYS B 372 -17.20 17.24 8.95
N LYS B 373 -17.94 18.04 9.71
CA LYS B 373 -17.36 19.18 10.41
C LYS B 373 -16.50 18.76 11.60
N LEU B 374 -15.33 19.37 11.73
CA LEU B 374 -14.42 19.10 12.84
C LEU B 374 -13.97 20.40 13.50
N PHE B 375 -14.02 20.46 14.83
CA PHE B 375 -13.59 21.67 15.55
C PHE B 375 -12.19 21.40 16.07
N LEU B 376 -11.36 22.44 16.15
CA LEU B 376 -9.99 22.23 16.60
C LEU B 376 -9.52 22.92 17.87
N ARG B 377 -10.29 23.86 18.41
CA ARG B 377 -9.83 24.58 19.62
C ARG B 377 -9.51 23.63 20.75
N GLY B 378 -10.33 22.60 20.90
CA GLY B 378 -10.10 21.63 21.96
C GLY B 378 -8.79 20.90 21.80
N ILE B 379 -8.59 20.24 20.66
CA ILE B 379 -7.37 19.49 20.45
C ILE B 379 -6.09 20.33 20.51
N ILE B 380 -6.19 21.61 20.18
CA ILE B 380 -5.00 22.46 20.25
C ILE B 380 -4.68 22.72 21.72
N GLU B 381 -5.72 22.94 22.53
CA GLU B 381 -5.54 23.17 23.96
C GLU B 381 -4.96 21.93 24.63
N GLU B 382 -5.39 20.76 24.19
CA GLU B 382 -4.87 19.52 24.76
C GLU B 382 -3.38 19.40 24.46
N LEU B 383 -3.00 19.80 23.25
CA LEU B 383 -1.62 19.76 22.81
C LEU B 383 -0.76 20.71 23.63
N LEU B 384 -1.24 21.93 23.84
CA LEU B 384 -0.49 22.91 24.62
C LEU B 384 -0.41 22.40 26.06
N TRP B 385 -1.44 21.66 26.44
CA TRP B 385 -1.56 21.06 27.77
C TRP B 385 -0.51 19.96 27.94
N PHE B 386 -0.23 19.22 26.85
CA PHE B 386 0.79 18.16 26.86
C PHE B 386 2.15 18.82 26.97
N ILE B 387 2.37 19.83 26.14
CA ILE B 387 3.65 20.54 26.12
C ILE B 387 4.03 21.13 27.47
N ARG B 388 3.05 21.59 28.24
CA ARG B 388 3.36 22.13 29.56
C ARG B 388 3.67 20.99 30.53
N GLY B 389 3.31 19.77 30.16
CA GLY B 389 3.57 18.62 31.02
C GLY B 389 2.52 18.40 32.10
N GLU B 390 1.34 19.00 31.95
CA GLU B 390 0.27 18.86 32.93
C GLU B 390 -0.40 17.49 32.95
N THR B 391 -1.04 17.17 34.06
CA THR B 391 -1.77 15.92 34.18
C THR B 391 -3.08 16.23 34.89
N ASN B 392 -3.36 17.52 35.05
CA ASN B 392 -4.55 18.02 35.72
C ASN B 392 -5.73 18.27 34.75
N GLY B 393 -6.73 17.41 34.81
CA GLY B 393 -7.87 17.56 33.92
C GLY B 393 -8.69 18.80 34.13
N ASN B 394 -8.58 19.40 35.32
CA ASN B 394 -9.32 20.60 35.63
C ASN B 394 -8.91 21.74 34.70
N THR B 395 -7.64 21.80 34.35
CA THR B 395 -7.14 22.85 33.46
C THR B 395 -7.94 22.86 32.15
N LEU B 396 -8.14 21.67 31.57
CA LEU B 396 -8.87 21.57 30.32
C LEU B 396 -10.36 21.86 30.52
N LEU B 397 -10.95 21.28 31.56
CA LEU B 397 -12.37 21.51 31.80
C LEU B 397 -12.69 22.98 32.06
N ASN B 398 -11.72 23.76 32.55
CA ASN B 398 -11.98 25.17 32.80
C ASN B 398 -11.96 25.99 31.51
N LYS B 399 -11.50 25.38 30.43
CA LYS B 399 -11.47 26.06 29.15
C LYS B 399 -12.57 25.46 28.31
N ASN B 400 -13.36 24.59 28.95
CA ASN B 400 -14.46 23.92 28.29
C ASN B 400 -14.01 22.94 27.21
N VAL B 401 -12.96 22.20 27.53
CA VAL B 401 -12.42 21.18 26.65
C VAL B 401 -12.63 19.91 27.48
N ARG B 402 -13.65 19.14 27.13
CA ARG B 402 -14.02 17.95 27.88
C ARG B 402 -13.51 16.63 27.32
N ILE B 403 -12.39 16.71 26.60
CA ILE B 403 -11.79 15.52 25.99
C ILE B 403 -11.42 14.47 27.04
N TRP B 404 -10.89 14.92 28.17
CA TRP B 404 -10.47 14.00 29.23
C TRP B 404 -11.43 13.89 30.41
N GLU B 405 -12.60 14.50 30.30
CA GLU B 405 -13.58 14.47 31.39
C GLU B 405 -13.97 13.07 31.84
N ALA B 406 -14.45 12.23 30.93
CA ALA B 406 -14.87 10.89 31.32
C ALA B 406 -13.75 10.06 31.99
N ASN B 407 -12.51 10.31 31.60
CA ASN B 407 -11.40 9.55 32.15
C ASN B 407 -10.96 10.04 33.54
N GLY B 408 -11.60 11.10 34.03
CA GLY B 408 -11.24 11.63 35.33
C GLY B 408 -12.33 11.56 36.38
N THR B 409 -13.45 10.93 36.04
CA THR B 409 -14.54 10.83 37.02
C THR B 409 -14.20 9.85 38.14
N ARG B 410 -14.84 10.04 39.29
CA ARG B 410 -14.66 9.19 40.46
C ARG B 410 -14.87 7.72 40.05
N GLU B 411 -15.94 7.46 39.31
CA GLU B 411 -16.28 6.12 38.85
C GLU B 411 -15.18 5.52 37.97
N PHE B 412 -14.80 6.22 36.90
CA PHE B 412 -13.79 5.72 36.02
C PHE B 412 -12.48 5.48 36.76
N LEU B 413 -12.09 6.42 37.61
CA LEU B 413 -10.86 6.25 38.36
C LEU B 413 -10.96 5.05 39.30
N ASP B 414 -12.12 4.89 39.93
CA ASP B 414 -12.36 3.77 40.84
C ASP B 414 -12.35 2.45 40.07
N ASN B 415 -12.91 2.47 38.87
CA ASN B 415 -12.93 1.27 38.05
C ASN B 415 -11.50 0.85 37.69
N ARG B 416 -10.61 1.83 37.58
CA ARG B 416 -9.20 1.61 37.27
C ARG B 416 -8.46 1.23 38.53
N LYS B 417 -9.21 1.08 39.62
CA LYS B 417 -8.66 0.72 40.92
C LYS B 417 -7.78 1.83 41.49
N LEU B 418 -8.01 3.05 41.02
CA LEU B 418 -7.26 4.21 41.47
C LEU B 418 -8.09 4.95 42.52
N PHE B 419 -8.43 4.20 43.58
CA PHE B 419 -9.25 4.71 44.68
C PHE B 419 -8.67 5.91 45.39
N HIS B 420 -7.34 6.05 45.36
CA HIS B 420 -6.71 7.15 46.06
C HIS B 420 -6.26 8.29 45.16
N ARG B 421 -6.88 8.39 43.98
CA ARG B 421 -6.54 9.45 43.05
C ARG B 421 -7.65 10.51 43.06
N GLU B 422 -7.28 11.78 43.07
CA GLU B 422 -8.26 12.85 43.07
C GLU B 422 -8.96 12.85 41.71
N VAL B 423 -10.22 13.29 41.70
CA VAL B 423 -11.00 13.37 40.49
C VAL B 423 -10.27 14.28 39.53
N ASN B 424 -10.14 13.83 38.28
CA ASN B 424 -9.46 14.56 37.23
C ASN B 424 -7.94 14.55 37.32
N ASP B 425 -7.38 13.81 38.28
CA ASP B 425 -5.93 13.69 38.37
C ASP B 425 -5.65 12.46 37.51
N LEU B 426 -5.40 12.69 36.23
CA LEU B 426 -5.18 11.64 35.25
C LEU B 426 -3.96 10.77 35.42
N GLY B 427 -3.04 11.18 36.30
CA GLY B 427 -1.85 10.38 36.52
C GLY B 427 -0.72 10.69 35.55
N PRO B 428 0.34 9.87 35.53
CA PRO B 428 1.50 10.09 34.64
C PRO B 428 1.20 9.85 33.17
N ILE B 429 0.28 10.61 32.59
CA ILE B 429 -0.05 10.46 31.18
C ILE B 429 0.86 11.31 30.30
N TYR B 430 0.51 11.36 29.02
CA TYR B 430 1.27 12.12 28.02
C TYR B 430 2.16 13.24 28.56
N GLY B 431 1.52 14.35 28.92
CA GLY B 431 2.25 15.49 29.43
C GLY B 431 3.42 15.11 30.32
N PHE B 432 3.12 14.37 31.39
CA PHE B 432 4.14 13.94 32.34
C PHE B 432 5.24 13.15 31.66
N GLN B 433 4.86 12.19 30.83
CA GLN B 433 5.84 11.36 30.15
C GLN B 433 6.73 12.14 29.20
N TRP B 434 6.18 13.18 28.57
CA TRP B 434 6.94 13.99 27.63
C TRP B 434 8.00 14.88 28.29
N ARG B 435 7.77 15.29 29.54
CA ARG B 435 8.72 16.17 30.22
C ARG B 435 9.37 15.59 31.49
N HIS B 436 8.92 14.44 31.97
CA HIS B 436 9.49 13.88 33.21
C HIS B 436 9.57 12.36 33.24
N PHE B 437 9.67 11.73 32.08
CA PHE B 437 9.70 10.28 32.02
C PHE B 437 10.69 9.74 33.04
N GLY B 438 10.20 8.85 33.91
CA GLY B 438 11.06 8.24 34.89
C GLY B 438 10.88 8.82 36.28
N ALA B 439 10.28 10.00 36.36
CA ALA B 439 10.06 10.63 37.65
C ALA B 439 8.95 9.89 38.42
N GLU B 440 8.97 10.00 39.74
CA GLU B 440 7.98 9.35 40.58
C GLU B 440 6.72 10.24 40.63
N TYR B 441 5.61 9.74 40.11
CA TYR B 441 4.38 10.52 40.12
C TYR B 441 3.73 10.49 41.51
N THR B 442 3.45 11.67 42.05
CA THR B 442 2.81 11.77 43.35
C THR B 442 1.39 12.29 43.17
N ASN B 443 1.23 13.54 42.76
CA ASN B 443 -0.10 14.09 42.50
C ASN B 443 0.01 15.22 41.48
N MET B 444 -1.09 15.52 40.79
CA MET B 444 -1.08 16.54 39.74
C MET B 444 -0.65 17.93 40.16
N TYR B 445 -0.58 18.18 41.46
CA TYR B 445 -0.19 19.50 41.93
C TYR B 445 1.29 19.58 42.32
N ASP B 446 1.96 18.43 42.40
CA ASP B 446 3.36 18.45 42.79
C ASP B 446 4.24 19.18 41.77
N ASN B 447 5.44 19.53 42.21
CA ASN B 447 6.40 20.21 41.38
C ASN B 447 7.38 19.15 40.91
N TYR B 448 7.40 18.91 39.60
CA TYR B 448 8.29 17.90 39.02
C TYR B 448 9.43 18.55 38.25
N GLU B 449 9.53 19.87 38.37
CA GLU B 449 10.55 20.65 37.69
C GLU B 449 11.93 19.98 37.76
N ASN B 450 12.46 19.62 36.59
CA ASN B 450 13.77 18.98 36.45
C ASN B 450 13.85 17.53 36.91
N LYS B 451 12.71 16.88 37.08
CA LYS B 451 12.71 15.48 37.49
C LYS B 451 12.35 14.67 36.26
N GLY B 452 12.94 13.48 36.13
CA GLY B 452 12.66 12.65 34.97
C GLY B 452 13.32 13.15 33.72
N VAL B 453 13.11 12.47 32.59
CA VAL B 453 13.72 12.88 31.34
C VAL B 453 12.77 13.72 30.51
N ASP B 454 13.27 14.88 30.06
CA ASP B 454 12.51 15.81 29.23
C ASP B 454 12.71 15.41 27.77
N GLN B 455 11.95 14.40 27.32
CA GLN B 455 12.05 13.90 25.94
C GLN B 455 11.75 14.95 24.90
N LEU B 456 10.74 15.77 25.16
CA LEU B 456 10.34 16.80 24.21
C LEU B 456 11.51 17.74 23.89
N LYS B 457 12.28 18.06 24.91
CA LYS B 457 13.42 18.94 24.76
C LYS B 457 14.52 18.21 24.00
N ASN B 458 14.76 16.95 24.37
CA ASN B 458 15.78 16.16 23.73
C ASN B 458 15.56 15.95 22.23
N ILE B 459 14.33 15.71 21.80
CA ILE B 459 14.10 15.50 20.37
C ILE B 459 14.24 16.83 19.65
N ILE B 460 13.88 17.92 20.30
CA ILE B 460 14.03 19.20 19.63
C ILE B 460 15.52 19.47 19.43
N ASN B 461 16.35 19.08 20.39
CA ASN B 461 17.78 19.27 20.23
C ASN B 461 18.32 18.30 19.20
N LEU B 462 17.83 17.06 19.23
CA LEU B 462 18.28 16.06 18.28
C LEU B 462 17.95 16.49 16.86
N ILE B 463 16.83 17.17 16.68
CA ILE B 463 16.43 17.61 15.36
C ILE B 463 17.30 18.75 14.88
N LYS B 464 17.65 19.65 15.80
CA LYS B 464 18.48 20.80 15.51
C LYS B 464 19.97 20.49 15.33
N ASN B 465 20.50 19.56 16.13
CA ASN B 465 21.93 19.23 16.08
C ASN B 465 22.31 17.85 15.54
N ASP B 466 21.34 16.98 15.32
CA ASP B 466 21.69 15.66 14.83
C ASP B 466 20.56 15.12 13.98
N PRO B 467 20.11 15.92 13.00
CA PRO B 467 19.02 15.57 12.09
C PRO B 467 19.04 14.18 11.46
N THR B 468 20.22 13.60 11.26
CA THR B 468 20.30 12.26 10.67
C THR B 468 20.18 11.16 11.72
N SER B 469 19.98 11.54 12.97
CA SER B 469 19.86 10.57 14.03
C SER B 469 18.64 9.71 13.75
N ARG B 470 18.72 8.45 14.11
CA ARG B 470 17.63 7.52 13.91
C ARG B 470 17.06 7.17 15.28
N ARG B 471 17.28 8.06 16.24
CA ARG B 471 16.83 7.87 17.60
C ARG B 471 15.95 9.01 18.06
N ILE B 472 15.40 9.74 17.12
CA ILE B 472 14.54 10.86 17.47
C ILE B 472 13.12 10.41 17.71
N LEU B 473 12.86 9.88 18.92
CA LEU B 473 11.53 9.38 19.27
C LEU B 473 10.96 9.99 20.55
N LEU B 474 9.65 10.17 20.57
CA LEU B 474 8.97 10.68 21.76
C LEU B 474 8.03 9.52 22.12
N CYS B 475 8.27 8.90 23.27
CA CYS B 475 7.48 7.76 23.70
C CYS B 475 6.62 8.03 24.95
N ALA B 476 5.33 7.80 24.84
CA ALA B 476 4.40 8.03 25.94
C ALA B 476 4.07 6.74 26.66
N TRP B 477 4.51 5.61 26.11
CA TRP B 477 4.22 4.32 26.70
C TRP B 477 5.26 3.90 27.71
N ASN B 478 5.11 4.39 28.93
CA ASN B 478 6.02 4.08 30.03
C ASN B 478 5.47 2.84 30.75
N VAL B 479 6.01 1.67 30.45
CA VAL B 479 5.53 0.43 31.05
C VAL B 479 5.44 0.47 32.56
N LYS B 480 6.41 1.09 33.22
CA LYS B 480 6.37 1.12 34.67
C LYS B 480 5.18 1.89 35.25
N ASP B 481 4.74 2.94 34.55
CA ASP B 481 3.64 3.78 35.00
C ASP B 481 2.25 3.55 34.40
N LEU B 482 2.10 2.58 33.51
CA LEU B 482 0.82 2.34 32.86
C LEU B 482 -0.38 2.26 33.79
N ASP B 483 -0.29 1.40 34.80
CA ASP B 483 -1.39 1.25 35.74
C ASP B 483 -1.77 2.49 36.53
N GLN B 484 -0.83 3.42 36.68
CA GLN B 484 -1.11 4.63 37.43
C GLN B 484 -1.77 5.68 36.56
N MET B 485 -1.89 5.39 35.27
CA MET B 485 -2.53 6.32 34.33
C MET B 485 -4.04 6.09 34.33
N ALA B 486 -4.82 7.15 34.14
CA ALA B 486 -6.27 6.98 34.07
C ALA B 486 -6.49 5.92 32.99
N LEU B 487 -5.61 5.91 32.00
CA LEU B 487 -5.65 4.94 30.92
C LEU B 487 -4.37 4.99 30.10
N PRO B 488 -3.93 3.85 29.57
CA PRO B 488 -2.72 3.73 28.76
C PRO B 488 -2.84 4.57 27.49
N PRO B 489 -1.74 5.20 27.07
CA PRO B 489 -1.76 6.03 25.86
C PRO B 489 -2.20 5.31 24.59
N CYS B 490 -3.09 5.95 23.83
CA CYS B 490 -3.55 5.39 22.56
C CYS B 490 -2.45 5.68 21.55
N HIS B 491 -1.82 6.84 21.71
CA HIS B 491 -0.74 7.26 20.83
C HIS B 491 0.61 6.91 21.45
N ILE B 492 1.05 5.69 21.15
CA ILE B 492 2.29 5.15 21.66
C ILE B 492 3.52 6.03 21.49
N LEU B 493 3.81 6.43 20.26
CA LEU B 493 5.01 7.23 20.07
C LEU B 493 5.04 8.02 18.80
N CYS B 494 6.05 8.89 18.72
CA CYS B 494 6.27 9.74 17.57
C CYS B 494 7.73 9.57 17.16
N GLN B 495 7.97 9.36 15.87
CA GLN B 495 9.35 9.29 15.42
C GLN B 495 9.49 10.36 14.36
N PHE B 496 10.62 11.07 14.40
CA PHE B 496 10.84 12.14 13.44
C PHE B 496 11.99 11.80 12.50
N TYR B 497 11.92 12.38 11.30
CA TYR B 497 12.91 12.16 10.26
C TYR B 497 13.18 13.51 9.61
N VAL B 498 14.44 13.78 9.28
CA VAL B 498 14.79 15.05 8.68
C VAL B 498 15.64 14.92 7.42
N PHE B 499 15.26 15.64 6.38
CA PHE B 499 16.02 15.64 5.14
C PHE B 499 15.75 16.89 4.34
N ASP B 500 16.83 17.52 3.87
CA ASP B 500 16.76 18.73 3.07
C ASP B 500 15.90 19.82 3.69
N GLY B 501 16.06 20.02 4.99
CA GLY B 501 15.30 21.04 5.68
C GLY B 501 13.82 20.75 5.88
N LYS B 502 13.42 19.48 5.74
CA LYS B 502 12.04 19.08 5.90
C LYS B 502 11.86 18.13 7.06
N LEU B 503 10.71 18.20 7.73
CA LEU B 503 10.44 17.33 8.87
C LEU B 503 9.23 16.41 8.68
N SER B 504 9.43 15.13 8.98
CA SER B 504 8.36 14.16 8.87
C SER B 504 8.18 13.49 10.21
N CYS B 505 6.95 13.02 10.44
CA CYS B 505 6.60 12.38 11.70
C CYS B 505 5.79 11.11 11.52
N ILE B 506 6.15 10.09 12.29
CA ILE B 506 5.40 8.85 12.30
C ILE B 506 4.87 8.73 13.72
N MET B 507 3.58 8.45 13.82
CA MET B 507 2.96 8.28 15.12
C MET B 507 2.25 6.95 15.09
N TYR B 508 2.64 6.05 15.98
CA TYR B 508 2.02 4.74 16.09
C TYR B 508 0.86 4.78 17.10
N GLN B 509 -0.32 4.36 16.66
CA GLN B 509 -1.50 4.37 17.53
C GLN B 509 -1.91 2.91 17.74
N ARG B 510 -1.97 2.48 19.00
CA ARG B 510 -2.30 1.10 19.32
C ARG B 510 -3.78 0.79 19.22
N SER B 511 -4.60 1.81 19.43
CA SER B 511 -6.04 1.65 19.42
C SER B 511 -6.62 2.83 18.66
N CYS B 512 -7.50 2.55 17.72
CA CYS B 512 -8.05 3.62 16.91
C CYS B 512 -9.56 3.52 16.68
N ASP B 513 -10.26 4.52 17.19
CA ASP B 513 -11.70 4.60 17.01
C ASP B 513 -11.84 5.36 15.69
N LEU B 514 -11.84 4.61 14.60
CA LEU B 514 -11.93 5.18 13.27
C LEU B 514 -13.05 6.20 13.12
N GLY B 515 -14.18 5.92 13.76
CA GLY B 515 -15.34 6.80 13.68
C GLY B 515 -15.26 8.15 14.35
N LEU B 516 -14.82 8.19 15.60
CA LEU B 516 -14.74 9.45 16.35
C LEU B 516 -13.34 10.00 16.64
N GLY B 517 -12.43 9.13 17.02
CA GLY B 517 -11.09 9.56 17.36
C GLY B 517 -10.06 9.83 16.28
N VAL B 518 -9.90 8.88 15.37
CA VAL B 518 -8.92 9.04 14.31
C VAL B 518 -8.97 10.40 13.61
N PRO B 519 -10.18 10.90 13.28
CA PRO B 519 -10.26 12.19 12.60
C PRO B 519 -9.53 13.32 13.36
N PHE B 520 -9.68 13.33 14.68
CA PHE B 520 -9.03 14.33 15.52
C PHE B 520 -7.54 14.00 15.61
N ASN B 521 -7.26 12.72 15.78
CA ASN B 521 -5.90 12.24 15.90
C ASN B 521 -5.05 12.70 14.72
N ILE B 522 -5.56 12.50 13.51
CA ILE B 522 -4.85 12.92 12.32
C ILE B 522 -4.48 14.40 12.43
N ALA B 523 -5.45 15.22 12.85
CA ALA B 523 -5.24 16.66 12.99
C ALA B 523 -4.25 17.02 14.11
N SER B 524 -4.43 16.40 15.29
CA SER B 524 -3.56 16.66 16.42
C SER B 524 -2.08 16.57 16.07
N TYR B 525 -1.66 15.41 15.58
CA TYR B 525 -0.26 15.22 15.26
C TYR B 525 0.22 15.94 13.99
N SER B 526 -0.70 16.30 13.11
CA SER B 526 -0.30 17.05 11.94
C SER B 526 0.13 18.42 12.49
N ILE B 527 -0.73 19.02 13.29
CA ILE B 527 -0.44 20.32 13.89
C ILE B 527 0.85 20.22 14.70
N PHE B 528 0.97 19.16 15.50
CA PHE B 528 2.18 18.97 16.31
C PHE B 528 3.43 18.91 15.43
N THR B 529 3.31 18.30 14.24
CA THR B 529 4.46 18.22 13.33
C THR B 529 4.81 19.64 12.89
N HIS B 530 3.79 20.44 12.58
CA HIS B 530 4.00 21.83 12.17
C HIS B 530 4.72 22.57 13.29
N MET B 531 4.23 22.40 14.51
CA MET B 531 4.83 23.06 15.66
C MET B 531 6.31 22.72 15.81
N ILE B 532 6.65 21.43 15.78
CA ILE B 532 8.04 21.05 15.93
C ILE B 532 8.91 21.60 14.78
N ALA B 533 8.44 21.43 13.55
CA ALA B 533 9.23 21.89 12.42
C ALA B 533 9.58 23.37 12.56
N GLN B 534 8.57 24.18 12.86
CA GLN B 534 8.79 25.60 12.99
C GLN B 534 9.82 25.97 14.04
N VAL B 535 9.70 25.42 15.24
CA VAL B 535 10.66 25.77 16.28
C VAL B 535 12.03 25.17 16.02
N CYS B 536 12.18 24.55 14.85
CA CYS B 536 13.44 23.95 14.45
C CYS B 536 13.93 24.52 13.13
N ASN B 537 13.17 25.48 12.59
CA ASN B 537 13.50 26.15 11.33
C ASN B 537 13.51 25.16 10.17
N LEU B 538 12.48 24.33 10.13
CA LEU B 538 12.32 23.34 9.08
C LEU B 538 10.90 23.44 8.52
N GLN B 539 10.68 22.87 7.35
CA GLN B 539 9.35 22.89 6.76
C GLN B 539 8.70 21.52 6.96
N PRO B 540 7.42 21.51 7.33
CA PRO B 540 6.76 20.21 7.54
C PRO B 540 6.64 19.46 6.23
N ALA B 541 6.76 18.14 6.28
CA ALA B 541 6.63 17.31 5.09
C ALA B 541 5.50 16.31 5.28
N GLN B 542 5.84 15.06 5.56
CA GLN B 542 4.82 14.05 5.73
C GLN B 542 4.47 13.72 7.18
N PHE B 543 3.20 13.42 7.40
CA PHE B 543 2.74 12.96 8.69
C PHE B 543 2.28 11.54 8.36
N ILE B 544 2.90 10.55 9.01
CA ILE B 544 2.57 9.16 8.76
C ILE B 544 1.88 8.54 9.97
N HIS B 545 0.65 8.09 9.75
CA HIS B 545 -0.18 7.50 10.78
C HIS B 545 -0.21 5.99 10.64
N VAL B 546 0.30 5.29 11.65
CA VAL B 546 0.32 3.84 11.67
C VAL B 546 -0.71 3.34 12.67
N LEU B 547 -1.74 2.67 12.16
CA LEU B 547 -2.82 2.15 12.99
C LEU B 547 -2.62 0.69 13.37
N GLY B 548 -2.72 0.41 14.66
CA GLY B 548 -2.59 -0.95 15.12
C GLY B 548 -3.98 -1.54 15.04
N ASN B 549 -4.65 -1.63 16.19
CA ASN B 549 -6.00 -2.16 16.24
C ASN B 549 -6.91 -1.03 15.74
N ALA B 550 -7.41 -1.17 14.51
CA ALA B 550 -8.30 -0.18 13.92
C ALA B 550 -9.74 -0.71 13.97
N HIS B 551 -10.58 -0.05 14.74
CA HIS B 551 -11.96 -0.49 14.88
C HIS B 551 -13.05 0.55 14.64
N VAL B 552 -14.21 0.06 14.25
CA VAL B 552 -15.38 0.87 14.01
C VAL B 552 -16.46 0.39 14.96
N TYR B 553 -17.04 1.30 15.73
CA TYR B 553 -18.09 0.94 16.68
C TYR B 553 -19.39 0.72 15.92
N ASN B 554 -20.07 -0.38 16.22
CA ASN B 554 -21.33 -0.74 15.55
C ASN B 554 -22.36 0.37 15.54
N ASN B 555 -22.35 1.21 16.58
CA ASN B 555 -23.32 2.29 16.64
C ASN B 555 -22.91 3.48 15.80
N HIS B 556 -21.82 3.35 15.07
CA HIS B 556 -21.32 4.42 14.20
C HIS B 556 -21.55 4.06 12.73
N ILE B 557 -21.72 2.78 12.47
CA ILE B 557 -21.89 2.31 11.10
C ILE B 557 -22.84 3.11 10.22
N ASP B 558 -24.06 3.35 10.68
CA ASP B 558 -24.97 4.10 9.84
C ASP B 558 -24.43 5.50 9.51
N SER B 559 -23.79 6.13 10.48
CA SER B 559 -23.23 7.47 10.29
C SER B 559 -22.11 7.45 9.25
N LEU B 560 -21.28 6.40 9.31
CA LEU B 560 -20.18 6.28 8.39
C LEU B 560 -20.67 5.91 6.99
N LYS B 561 -21.85 5.28 6.90
CA LYS B 561 -22.39 4.92 5.59
C LYS B 561 -22.79 6.21 4.88
N ILE B 562 -23.25 7.17 5.67
CA ILE B 562 -23.64 8.46 5.14
C ILE B 562 -22.36 9.19 4.73
N GLN B 563 -21.33 9.09 5.57
CA GLN B 563 -20.05 9.77 5.31
C GLN B 563 -19.29 9.28 4.08
N LEU B 564 -19.18 7.97 3.92
CA LEU B 564 -18.46 7.39 2.78
C LEU B 564 -19.02 7.82 1.44
N ASN B 565 -20.29 8.21 1.42
CA ASN B 565 -20.94 8.63 0.18
C ASN B 565 -20.87 10.12 -0.06
N ARG B 566 -20.08 10.82 0.75
CA ARG B 566 -19.91 12.25 0.56
C ARG B 566 -18.57 12.46 -0.16
N ILE B 567 -18.53 13.43 -1.06
CA ILE B 567 -17.31 13.68 -1.82
C ILE B 567 -16.49 14.80 -1.21
N PRO B 568 -15.27 14.49 -0.77
CA PRO B 568 -14.33 15.43 -0.15
C PRO B 568 -14.15 16.75 -0.88
N TYR B 569 -13.87 17.82 -0.13
CA TYR B 569 -13.61 19.12 -0.71
C TYR B 569 -12.10 19.32 -0.59
N PRO B 570 -11.52 20.24 -1.36
CA PRO B 570 -10.07 20.37 -1.18
C PRO B 570 -9.78 20.75 0.27
N PHE B 571 -8.66 20.26 0.79
CA PHE B 571 -8.27 20.53 2.18
C PHE B 571 -7.97 22.00 2.45
N PRO B 572 -8.03 22.40 3.73
CA PRO B 572 -7.74 23.77 4.16
C PRO B 572 -6.24 23.87 4.36
N THR B 573 -5.79 24.90 5.07
CA THR B 573 -4.36 25.06 5.37
C THR B 573 -4.22 25.54 6.81
N LEU B 574 -3.07 25.26 7.41
CA LEU B 574 -2.80 25.65 8.78
C LEU B 574 -1.73 26.74 8.78
N LYS B 575 -2.01 27.85 9.47
CA LYS B 575 -1.05 28.93 9.55
C LYS B 575 -0.71 29.18 11.02
N LEU B 576 0.59 29.10 11.33
CA LEU B 576 1.07 29.33 12.68
C LEU B 576 1.71 30.71 12.78
N ASN B 577 1.70 31.31 13.96
CA ASN B 577 2.30 32.62 14.13
C ASN B 577 3.80 32.41 13.98
N PRO B 578 4.39 32.99 12.94
CA PRO B 578 5.82 32.88 12.68
C PRO B 578 6.77 33.33 13.79
N ASP B 579 6.27 34.14 14.73
CA ASP B 579 7.11 34.63 15.82
C ASP B 579 7.44 33.59 16.89
N ILE B 580 6.58 32.58 17.04
CA ILE B 580 6.81 31.54 18.03
C ILE B 580 8.02 30.71 17.62
N LYS B 581 9.12 30.85 18.37
CA LYS B 581 10.35 30.14 18.07
C LYS B 581 10.70 29.03 19.07
N ASN B 582 9.86 28.85 20.08
CA ASN B 582 10.10 27.80 21.08
C ASN B 582 8.81 27.02 21.28
N ILE B 583 8.93 25.70 21.33
CA ILE B 583 7.78 24.83 21.48
C ILE B 583 6.90 25.23 22.65
N GLU B 584 7.51 25.73 23.71
CA GLU B 584 6.78 26.13 24.91
C GLU B 584 6.03 27.47 24.82
N ASP B 585 6.28 28.25 23.77
CA ASP B 585 5.64 29.56 23.63
C ASP B 585 4.35 29.67 22.85
N PHE B 586 3.80 28.56 22.38
CA PHE B 586 2.56 28.62 21.62
C PHE B 586 1.37 28.86 22.53
N THR B 587 0.38 29.54 22.00
CA THR B 587 -0.85 29.84 22.72
C THR B 587 -1.99 29.64 21.72
N ILE B 588 -3.18 29.38 22.23
CA ILE B 588 -4.35 29.14 21.39
C ILE B 588 -4.54 30.11 20.23
N SER B 589 -4.03 31.34 20.35
CA SER B 589 -4.21 32.32 19.27
C SER B 589 -3.17 32.24 18.16
N ASP B 590 -2.13 31.44 18.36
CA ASP B 590 -1.07 31.30 17.36
C ASP B 590 -1.42 30.28 16.27
N PHE B 591 -2.68 29.85 16.22
CA PHE B 591 -3.11 28.88 15.22
C PHE B 591 -4.31 29.39 14.43
N THR B 592 -4.26 29.22 13.11
CA THR B 592 -5.37 29.65 12.25
C THR B 592 -5.61 28.67 11.12
N ILE B 593 -6.84 28.19 11.00
CA ILE B 593 -7.23 27.25 9.94
C ILE B 593 -7.89 28.06 8.84
N GLN B 594 -7.30 28.08 7.66
CA GLN B 594 -7.84 28.85 6.54
C GLN B 594 -8.52 28.03 5.45
N ASN B 595 -9.56 28.62 4.85
CA ASN B 595 -10.31 27.98 3.77
C ASN B 595 -10.76 26.57 4.09
N TYR B 596 -11.52 26.40 5.18
CA TYR B 596 -11.98 25.07 5.51
C TYR B 596 -13.39 24.86 5.00
N VAL B 597 -13.50 24.24 3.83
CA VAL B 597 -14.81 23.94 3.24
C VAL B 597 -15.06 22.50 3.67
N HIS B 598 -16.24 22.27 4.24
CA HIS B 598 -16.61 20.96 4.77
C HIS B 598 -18.09 20.63 4.60
N HIS B 599 -18.43 19.38 4.84
CA HIS B 599 -19.81 18.92 4.78
C HIS B 599 -20.42 19.22 6.14
N GLU B 600 -21.73 19.06 6.29
CA GLU B 600 -22.35 19.35 7.57
C GLU B 600 -21.96 18.32 8.62
N LYS B 601 -22.10 18.69 9.89
CA LYS B 601 -21.75 17.83 11.00
C LYS B 601 -22.53 16.53 11.00
N ILE B 602 -21.96 15.52 11.65
CA ILE B 602 -22.59 14.21 11.78
C ILE B 602 -22.32 13.68 13.19
N SER B 603 -23.38 13.31 13.90
CA SER B 603 -23.23 12.77 15.24
C SER B 603 -23.07 11.26 15.10
N MET B 604 -21.85 10.78 15.32
CA MET B 604 -21.55 9.36 15.19
C MET B 604 -22.49 8.49 16.02
N ASP B 605 -22.91 8.99 17.17
CA ASP B 605 -23.81 8.24 18.05
C ASP B 605 -25.28 8.52 17.74
N1 KA5 C . -1.02 -30.12 -12.20
C2 KA5 C . -0.53 -29.25 -13.02
N3 KA5 C . -0.42 -29.49 -14.28
C4 KA5 C . -0.81 -30.61 -14.80
C5 KA5 C . -1.37 -31.62 -14.03
C6 KA5 C . -1.44 -31.27 -12.65
C7 KA5 C . -1.95 -32.13 -11.71
C8 KA5 C . -2.41 -33.35 -12.09
C9 KA5 C . -2.38 -33.75 -13.43
C10 KA5 C . -1.86 -32.88 -14.39
N11 KA5 C . -0.11 -28.07 -12.53
N12 KA5 C . -0.62 -30.66 -16.12
CL13 KA5 C . -1.87 -33.49 -16.05
N14 KA5 C . -2.86 -34.98 -13.82
C15 KA5 C . -3.21 -36.10 -12.94
C16 KA5 C . -4.65 -36.05 -12.40
C17 KA5 C . -5.60 -35.31 -13.08
C18 KA5 C . -6.90 -35.19 -12.68
C19 KA5 C . -7.25 -35.89 -11.53
C20 KA5 C . -6.32 -36.64 -10.83
C21 KA5 C . -5.01 -36.75 -11.24
O22 KA5 C . -4.12 -37.49 -10.48
C23 KA5 C . -3.68 -38.76 -10.97
O24 KA5 C . -7.73 -34.39 -13.45
C25 KA5 C . -9.09 -34.18 -13.13
PA NDP D . 3.48 -39.62 -21.32
O1A NDP D . 4.34 -38.68 -21.99
O2A NDP D . 2.25 -39.19 -20.59
O5B NDP D . 3.01 -40.73 -22.45
C5B NDP D . 3.99 -41.27 -23.35
C4B NDP D . 3.16 -42.07 -24.34
O4B NDP D . 2.31 -41.11 -25.04
C3B NDP D . 3.85 -42.81 -25.42
O3B NDP D . 4.59 -43.99 -25.06
C2B NDP D . 2.86 -42.91 -26.51
O2B NDP D . 1.76 -43.81 -26.32
C1B NDP D . 2.41 -41.48 -26.42
N9A NDP D . 3.07 -40.47 -27.29
C8A NDP D . 3.94 -39.42 -26.93
N7A NDP D . 4.33 -38.73 -27.98
C5A NDP D . 3.72 -39.31 -29.07
C6A NDP D . 3.71 -39.05 -30.47
N6A NDP D . 4.42 -38.04 -30.96
N1A NDP D . 2.98 -39.84 -31.29
C2A NDP D . 2.25 -40.87 -30.78
N3A NDP D . 2.20 -41.21 -29.48
C4A NDP D . 2.95 -40.38 -28.66
O3 NDP D . 4.23 -40.55 -20.32
PN NDP D . 5.43 -40.46 -19.29
O1N NDP D . 5.71 -41.85 -18.87
O2N NDP D . 6.47 -39.60 -19.94
O5D NDP D . 4.71 -39.55 -18.17
C5D NDP D . 3.61 -40.09 -17.34
C4D NDP D . 3.98 -39.81 -15.85
O4D NDP D . 3.97 -38.41 -15.73
C3D NDP D . 2.85 -40.26 -14.90
O3D NDP D . 3.41 -40.79 -13.68
C2D NDP D . 1.93 -39.09 -14.68
O2D NDP D . 1.35 -39.18 -13.40
C1D NDP D . 3.08 -37.98 -14.70
N1N NDP D . 2.58 -36.62 -15.05
C2N NDP D . 2.82 -35.65 -14.05
C3N NDP D . 2.37 -34.29 -14.33
C7N NDP D . 2.60 -33.23 -13.32
O7N NDP D . 2.24 -32.04 -13.47
N7N NDP D . 3.21 -33.51 -12.16
C4N NDP D . 1.73 -34.04 -15.57
C5N NDP D . 1.51 -35.00 -16.53
C6N NDP D . 1.95 -36.30 -16.27
P2B NDP D . 1.67 -45.28 -26.82
O1X NDP D . 2.44 -46.04 -25.81
O2X NDP D . 0.24 -45.65 -26.87
O3X NDP D . 2.30 -45.35 -28.21
N1 UMP E . 19.87 -2.97 12.90
C2 UMP E . 18.85 -3.61 12.11
N3 UMP E . 18.31 -4.76 12.71
C4 UMP E . 18.68 -5.31 13.97
C5 UMP E . 19.72 -4.58 14.70
C6 UMP E . 20.27 -3.42 14.11
O2 UMP E . 18.45 -3.24 11.01
O4 UMP E . 18.15 -6.32 14.42
C1' UMP E . 20.59 -1.73 12.45
C2' UMP E . 19.84 -0.40 12.29
C3' UMP E . 20.98 0.62 12.12
C4' UMP E . 22.10 0.21 13.14
O3' UMP E . 21.49 0.49 10.76
O4' UMP E . 21.77 -1.26 13.26
C5' UMP E . 21.91 0.89 14.52
O5' UMP E . 22.12 2.35 14.38
P UMP E . 21.17 3.41 15.01
OP1 UMP E . 21.70 4.76 14.92
OP2 UMP E . 19.95 3.33 14.23
OP3 UMP E . 20.94 3.10 16.40
N1 KA5 F . -8.22 26.89 -16.64
C2 KA5 F . -9.10 25.98 -16.82
N3 KA5 F . -9.99 26.08 -17.74
C4 KA5 F . -10.06 27.11 -18.51
C5 KA5 F . -9.16 28.17 -18.40
C6 KA5 F . -8.22 27.95 -17.38
C7 KA5 F . -7.24 28.88 -17.09
C8 KA5 F . -7.16 30.03 -17.80
C9 KA5 F . -8.04 30.30 -18.82
C10 KA5 F . -9.06 29.37 -19.14
N11 KA5 F . -9.07 24.89 -16.04
N12 KA5 F . -11.07 27.03 -19.40
CL13 KA5 F . -10.15 29.76 -20.45
N14 KA5 F . -7.91 31.51 -19.48
C15 KA5 F . -7.22 31.71 -20.74
C16 KA5 F . -5.70 31.78 -20.65
C17 KA5 F . -4.96 30.95 -21.46
C18 KA5 F . -3.60 30.93 -21.49
C19 KA5 F . -2.95 31.82 -20.62
C20 KA5 F . -3.66 32.66 -19.79
C21 KA5 F . -5.06 32.67 -19.78
O22 KA5 F . -5.77 33.51 -18.94
C23 KA5 F . -5.40 34.87 -18.90
O24 KA5 F . -3.01 30.02 -22.35
C25 KA5 F . -1.60 29.88 -22.45
PA NDP G . -17.15 34.93 -23.00
O1A NDP G . -18.12 33.87 -22.89
O2A NDP G . -15.67 34.68 -23.07
O5B NDP G . -17.55 35.79 -24.37
C5B NDP G . -18.94 36.11 -24.57
C4B NDP G . -19.01 36.66 -25.98
O4B NDP G . -18.85 35.51 -26.89
C3B NDP G . -20.26 37.32 -26.42
O3B NDP G . -20.61 38.62 -25.89
C2B NDP G . -20.34 37.12 -27.87
O2B NDP G . -19.56 37.97 -28.72
C1B NDP G . -19.87 35.68 -27.87
N9A NDP G . -20.98 34.69 -27.86
C8A NDP G . -21.66 34.11 -26.75
N7A NDP G . -22.59 33.28 -27.17
C5A NDP G . -22.55 33.28 -28.53
C6A NDP G . -23.28 32.63 -29.55
N6A NDP G . -24.25 31.78 -29.23
N1A NDP G . -22.98 32.87 -30.85
C2A NDP G . -21.98 33.74 -31.18
N3A NDP G . -21.23 34.42 -30.29
C4A NDP G . -21.57 34.14 -28.97
O3 NDP G . -17.32 36.04 -21.89
PN NDP G . -17.98 36.20 -20.43
O1N NDP G . -18.29 37.62 -20.28
O2N NDP G . -19.02 35.15 -20.36
O5D NDP G . -16.72 35.67 -19.54
C5D NDP G . -15.42 36.38 -19.55
C4D NDP G . -14.87 36.45 -18.08
O4D NDP G . -14.76 35.12 -17.63
C3D NDP G . -13.42 36.98 -18.05
O3D NDP G . -13.19 37.82 -16.91
C2D NDP G . -12.52 35.77 -18.14
O2D NDP G . -11.27 36.00 -17.51
C1D NDP G . -13.42 34.77 -17.29
N1N NDP G . -13.22 33.35 -17.68
C2N NDP G . -12.86 32.48 -16.62
C3N NDP G . -12.67 31.06 -16.95
C7N NDP G . -12.30 30.10 -15.89
O7N NDP G . -12.12 28.88 -16.11
N7N NDP G . -12.14 30.52 -14.62
C4N NDP G . -12.85 30.67 -18.29
C5N NDP G . -13.19 31.53 -19.31
C6N NDP G . -13.39 32.87 -19.01
P2B NDP G . -20.14 39.16 -29.53
O1X NDP G . -20.09 40.28 -28.56
O2X NDP G . -19.27 39.34 -30.72
O3X NDP G . -21.60 38.84 -29.94
N1 UMP H . -9.22 6.88 21.15
C2 UMP H . -8.98 7.34 19.80
N3 UMP H . -8.32 8.59 19.74
C4 UMP H . -7.90 9.38 20.85
C5 UMP H . -8.18 8.82 22.17
C6 UMP H . -8.84 7.58 22.26
O2 UMP H . -9.30 6.75 18.76
O4 UMP H . -7.32 10.46 20.72
C1' UMP H . -9.91 5.58 21.47
C2' UMP H . -9.28 4.22 21.14
C3' UMP H . -10.16 3.23 21.93
C4' UMP H . -10.44 3.89 23.30
O3' UMP H . -11.41 3.08 21.19
O4' UMP H . -10.28 5.32 22.92
C5' UMP H . -9.39 3.54 24.37
O5' UMP H . -9.68 2.20 24.93
P UMP H . -8.70 1.00 24.85
OP1 UMP H . -8.36 0.68 23.49
OP2 UMP H . -7.53 1.43 25.62
OP3 UMP H . -9.30 -0.19 25.42
#